data_4QL1
#
_entry.id   4QL1
#
_cell.length_a   46.843
_cell.length_b   56.628
_cell.length_c   64.688
_cell.angle_alpha   71.450
_cell.angle_beta   88.940
_cell.angle_gamma   65.430
#
_symmetry.space_group_name_H-M   'P 1'
#
loop_
_entity.id
_entity.type
_entity.pdbx_description
1 polymer 'WD repeat-containing protein 5'
2 non-polymer "N-(4-(4-methylpiperazin-1-yl)-3'-(morpholinomethyl)-[1,1'-biphenyl]-3-yl)-6-oxo-4-(trifluoromethyl)-1,6-dihydropyridine-3-carboxamide"
3 non-polymer 'UNKNOWN ATOM OR ION'
4 non-polymer 1,2-ETHANEDIOL
5 non-polymer GLYCEROL
6 water water
#
_entity_poly.entity_id   1
_entity_poly.type   'polypeptide(L)'
_entity_poly.pdbx_seq_one_letter_code
;GTQSKPTPVKPNYALKFTLAGHTKAVSSVKFSPNGEWLASSSADKLIKIWGAYDGKFEKTISGHKLGISDVAWSSDSNLL
VSASDDKTLKIWDVSSGKCLKTLKGHSNYVFCCNFNPQSNLIVSGSFDESVRIWDVKTGKCLKTLPAHSDPVSAVHFNRD
GSLIVSSSYDGLCRIWDTASGQCLKTLIDDDNPPVSFVKFSPNGKYILAATLDNTLKLWDYSKGKCLKTYTGHKNEKYCI
FANFSVTGGKWIVSGSEDNLVYIWNLQTKEIVQKLQGHTDVVISTACHPTENIIASAALENDKTIKLWKSDC
;
_entity_poly.pdbx_strand_id   A,B
#
loop_
_chem_comp.id
_chem_comp.type
_chem_comp.name
_chem_comp.formula
35Q non-polymer N-(4-(4-methylpiperazin-1-yl)-3'-(morpholinomethyl)-[1,1'-biphenyl]-3-yl)-6-oxo-4-(trifluoromethyl)-1,6-dihydropyridine-3-carboxamide 'C29 H32 F3 N5 O3'
EDO non-polymer 1,2-ETHANEDIOL 'C2 H6 O2'
GOL non-polymer GLYCEROL 'C3 H8 O3'
UNX non-polymer 'UNKNOWN ATOM OR ION' ?
#
# COMPACT_ATOMS: atom_id res chain seq x y z
N VAL A 9 -22.90 16.00 -14.39
CA VAL A 9 -22.12 14.88 -15.04
C VAL A 9 -22.68 13.54 -14.57
N LYS A 10 -22.95 12.65 -15.52
CA LYS A 10 -23.42 11.29 -15.24
C LYS A 10 -22.63 10.29 -16.09
N PRO A 11 -22.49 9.05 -15.59
CA PRO A 11 -21.79 8.07 -16.42
C PRO A 11 -22.68 7.60 -17.55
N ASN A 12 -22.09 6.93 -18.53
CA ASN A 12 -22.86 6.36 -19.63
C ASN A 12 -22.43 4.92 -19.87
N TYR A 13 -22.46 4.11 -18.81
CA TYR A 13 -22.09 2.71 -18.94
C TYR A 13 -22.97 2.02 -19.97
N ALA A 14 -22.33 1.30 -20.89
CA ALA A 14 -23.03 0.54 -21.92
C ALA A 14 -22.46 -0.88 -21.93
N LEU A 15 -23.33 -1.84 -22.24
CA LEU A 15 -22.93 -3.26 -22.28
C LEU A 15 -21.94 -3.51 -23.40
N LYS A 16 -20.82 -4.15 -23.08
CA LYS A 16 -19.81 -4.50 -24.07
C LYS A 16 -19.71 -6.00 -24.28
N PHE A 17 -19.79 -6.78 -23.21
CA PHE A 17 -19.66 -8.22 -23.32
C PHE A 17 -20.54 -8.92 -22.29
N THR A 18 -21.03 -10.10 -22.67
CA THR A 18 -21.70 -11.01 -21.77
C THR A 18 -20.93 -12.32 -21.70
N LEU A 19 -20.55 -12.70 -20.48
CA LEU A 19 -19.69 -13.83 -20.19
C LEU A 19 -20.54 -14.98 -19.66
N ALA A 20 -20.76 -15.99 -20.52
CA ALA A 20 -21.50 -17.19 -20.14
C ALA A 20 -20.55 -18.36 -19.92
N GLY A 21 -20.95 -19.27 -19.05
CA GLY A 21 -20.16 -20.45 -18.75
C GLY A 21 -20.53 -21.13 -17.46
N HIS A 22 -20.83 -20.34 -16.43
CA HIS A 22 -21.29 -20.91 -15.19
C HIS A 22 -22.64 -21.63 -15.37
N THR A 23 -22.85 -22.70 -14.61
CA THR A 23 -24.05 -23.54 -14.76
C THR A 23 -25.04 -23.40 -13.61
N LYS A 24 -24.67 -22.61 -12.59
CA LYS A 24 -25.60 -22.17 -11.55
C LYS A 24 -25.39 -20.68 -11.30
N ALA A 25 -26.08 -20.15 -10.29
CA ALA A 25 -25.95 -18.73 -9.93
C ALA A 25 -24.48 -18.30 -9.80
N VAL A 26 -24.18 -17.10 -10.27
CA VAL A 26 -22.88 -16.52 -10.07
C VAL A 26 -22.93 -15.69 -8.79
N SER A 27 -22.01 -15.95 -7.87
CA SER A 27 -22.03 -15.35 -6.54
C SER A 27 -21.17 -14.11 -6.34
N SER A 28 -20.04 -14.02 -7.04
CA SER A 28 -19.09 -12.93 -6.82
C SER A 28 -18.27 -12.74 -8.07
N VAL A 29 -17.98 -11.48 -8.35
CA VAL A 29 -17.01 -11.09 -9.40
C VAL A 29 -16.00 -10.12 -8.78
N LYS A 30 -14.73 -10.30 -9.11
CA LYS A 30 -13.66 -9.43 -8.60
C LYS A 30 -12.60 -9.19 -9.67
N PHE A 31 -12.24 -7.94 -9.93
CA PHE A 31 -11.11 -7.65 -10.82
C PHE A 31 -9.81 -7.84 -10.08
N SER A 32 -8.79 -8.38 -10.77
CA SER A 32 -7.49 -8.49 -10.16
C SER A 32 -6.91 -7.08 -9.92
N PRO A 33 -6.07 -6.93 -8.88
CA PRO A 33 -5.52 -5.60 -8.62
C PRO A 33 -4.66 -5.04 -9.76
N ASN A 34 -4.08 -5.91 -10.58
CA ASN A 34 -3.34 -5.42 -11.78
C ASN A 34 -4.21 -5.11 -12.99
N GLY A 35 -5.52 -5.35 -12.89
CA GLY A 35 -6.48 -4.91 -13.87
C GLY A 35 -6.63 -5.89 -15.02
N GLU A 36 -5.86 -6.96 -15.01
CA GLU A 36 -5.77 -7.84 -16.20
C GLU A 36 -6.95 -8.79 -16.26
N TRP A 37 -7.43 -9.21 -15.09
CA TRP A 37 -8.33 -10.33 -14.99
C TRP A 37 -9.60 -10.02 -14.20
N LEU A 38 -10.64 -10.79 -14.52
CA LEU A 38 -11.85 -10.89 -13.71
C LEU A 38 -11.97 -12.31 -13.23
N ALA A 39 -12.13 -12.50 -11.92
CA ALA A 39 -12.45 -13.81 -11.32
C ALA A 39 -13.94 -13.85 -10.96
N SER A 40 -14.59 -14.98 -11.25
CA SER A 40 -15.95 -15.19 -10.84
C SER A 40 -16.08 -16.51 -10.07
N SER A 41 -16.98 -16.53 -9.10
CA SER A 41 -17.28 -17.71 -8.33
C SER A 41 -18.76 -18.02 -8.52
N SER A 42 -19.13 -19.28 -8.28
CA SER A 42 -20.49 -19.72 -8.52
C SER A 42 -20.96 -20.83 -7.58
N ALA A 43 -22.27 -20.94 -7.46
CA ALA A 43 -22.91 -22.09 -6.83
C ALA A 43 -22.54 -23.42 -7.52
N ASP A 44 -22.05 -23.36 -8.77
CA ASP A 44 -21.61 -24.55 -9.48
C ASP A 44 -20.27 -25.11 -9.03
N LYS A 45 -19.71 -24.57 -7.93
CA LYS A 45 -18.47 -25.06 -7.31
C LYS A 45 -17.20 -24.63 -8.02
N LEU A 46 -17.31 -23.76 -9.03
CA LEU A 46 -16.19 -23.37 -9.86
C LEU A 46 -15.83 -21.90 -9.72
N ILE A 47 -14.57 -21.60 -9.95
CA ILE A 47 -14.06 -20.26 -10.18
C ILE A 47 -13.68 -20.20 -11.66
N LYS A 48 -14.05 -19.12 -12.33
CA LYS A 48 -13.60 -18.87 -13.69
C LYS A 48 -12.81 -17.56 -13.77
N ILE A 49 -11.78 -17.55 -14.61
CA ILE A 49 -10.94 -16.38 -14.85
C ILE A 49 -11.21 -15.93 -16.26
N TRP A 50 -11.39 -14.64 -16.43
CA TRP A 50 -11.72 -14.04 -17.72
C TRP A 50 -10.84 -12.80 -17.93
N GLY A 51 -10.52 -12.50 -19.17
CA GLY A 51 -9.85 -11.24 -19.45
C GLY A 51 -10.74 -10.03 -19.10
N ALA A 52 -10.19 -9.08 -18.34
CA ALA A 52 -10.94 -7.92 -17.87
C ALA A 52 -11.44 -6.96 -18.94
N TYR A 53 -10.74 -6.87 -20.08
CA TYR A 53 -11.04 -5.86 -21.08
C TYR A 53 -11.95 -6.37 -22.19
N ASP A 54 -11.80 -7.65 -22.57
CA ASP A 54 -12.60 -8.25 -23.63
C ASP A 54 -13.41 -9.46 -23.19
N GLY A 55 -13.32 -9.81 -21.91
CA GLY A 55 -14.13 -10.90 -21.38
C GLY A 55 -13.72 -12.28 -21.86
N LYS A 56 -12.54 -12.38 -22.46
CA LYS A 56 -12.10 -13.65 -23.04
C LYS A 56 -11.87 -14.68 -21.93
N PHE A 57 -12.55 -15.82 -22.01
CA PHE A 57 -12.34 -16.90 -21.05
C PHE A 57 -10.87 -17.33 -21.01
N GLU A 58 -10.34 -17.43 -19.79
CA GLU A 58 -8.98 -17.87 -19.57
C GLU A 58 -8.88 -19.28 -19.00
N LYS A 59 -9.57 -19.56 -17.89
N LYS A 59 -9.54 -19.54 -17.87
CA LYS A 59 -9.47 -20.87 -17.25
CA LYS A 59 -9.48 -20.87 -17.27
C LYS A 59 -10.54 -21.10 -16.20
C LYS A 59 -10.53 -21.10 -16.18
N THR A 60 -10.77 -22.36 -15.89
CA THR A 60 -11.63 -22.80 -14.79
C THR A 60 -10.79 -23.46 -13.70
N ILE A 61 -11.06 -23.08 -12.45
CA ILE A 61 -10.39 -23.56 -11.27
C ILE A 61 -11.39 -24.34 -10.44
N SER A 62 -11.06 -25.59 -10.13
N SER A 62 -11.06 -25.59 -10.10
CA SER A 62 -11.98 -26.53 -9.47
CA SER A 62 -12.01 -26.48 -9.45
C SER A 62 -11.35 -27.17 -8.25
C SER A 62 -11.37 -27.21 -8.29
N GLY A 63 -12.20 -27.65 -7.35
CA GLY A 63 -11.77 -28.35 -6.16
C GLY A 63 -12.72 -28.29 -4.97
N HIS A 64 -13.46 -27.19 -4.81
CA HIS A 64 -14.48 -27.16 -3.76
C HIS A 64 -15.55 -28.21 -3.97
N LYS A 65 -16.10 -28.69 -2.87
CA LYS A 65 -17.06 -29.79 -2.89
C LYS A 65 -18.49 -29.29 -2.92
N LEU A 66 -18.66 -28.00 -2.62
CA LEU A 66 -19.96 -27.34 -2.66
C LEU A 66 -19.82 -25.93 -3.25
N GLY A 67 -20.92 -25.21 -3.35
CA GLY A 67 -20.92 -23.88 -3.94
C GLY A 67 -19.99 -22.92 -3.28
N ILE A 68 -19.57 -21.94 -4.06
CA ILE A 68 -18.62 -20.91 -3.60
C ILE A 68 -19.40 -19.60 -3.50
N SER A 69 -19.24 -18.90 -2.38
CA SER A 69 -19.93 -17.64 -2.13
CA SER A 69 -19.91 -17.62 -2.10
C SER A 69 -19.07 -16.42 -2.48
N ASP A 70 -17.76 -16.54 -2.44
CA ASP A 70 -16.89 -15.37 -2.61
C ASP A 70 -15.50 -15.78 -3.06
N VAL A 71 -14.82 -14.80 -3.65
CA VAL A 71 -13.42 -14.95 -4.04
C VAL A 71 -12.76 -13.62 -3.83
N ALA A 72 -11.45 -13.67 -3.64
CA ALA A 72 -10.66 -12.44 -3.47
C ALA A 72 -9.23 -12.68 -3.93
N TRP A 73 -8.61 -11.61 -4.45
CA TRP A 73 -7.27 -11.64 -5.02
C TRP A 73 -6.21 -11.16 -4.04
N SER A 74 -5.02 -11.77 -4.07
CA SER A 74 -3.86 -11.15 -3.39
C SER A 74 -3.46 -9.87 -4.10
N SER A 75 -2.72 -9.04 -3.40
CA SER A 75 -2.30 -7.75 -3.94
C SER A 75 -1.41 -7.86 -5.17
N ASP A 76 -0.65 -8.96 -5.28
CA ASP A 76 0.20 -9.18 -6.48
C ASP A 76 -0.52 -9.90 -7.63
N SER A 77 -1.84 -10.09 -7.48
CA SER A 77 -2.68 -10.80 -8.48
C SER A 77 -2.29 -12.25 -8.76
N ASN A 78 -1.47 -12.86 -7.91
CA ASN A 78 -0.99 -14.22 -8.14
C ASN A 78 -1.81 -15.31 -7.43
N LEU A 79 -2.50 -14.94 -6.36
CA LEU A 79 -3.29 -15.86 -5.55
C LEU A 79 -4.74 -15.44 -5.53
N LEU A 80 -5.61 -16.43 -5.41
CA LEU A 80 -7.01 -16.19 -5.08
C LEU A 80 -7.31 -16.96 -3.83
N VAL A 81 -8.27 -16.46 -3.07
CA VAL A 81 -8.86 -17.26 -1.98
C VAL A 81 -10.35 -17.35 -2.27
N SER A 82 -10.96 -18.51 -1.97
CA SER A 82 -12.37 -18.71 -2.15
C SER A 82 -13.03 -19.17 -0.86
N ALA A 83 -14.28 -18.82 -0.65
CA ALA A 83 -15.03 -19.17 0.54
C ALA A 83 -16.22 -20.04 0.12
N SER A 84 -16.34 -21.22 0.73
CA SER A 84 -17.29 -22.23 0.28
C SER A 84 -18.33 -22.67 1.31
N ASP A 85 -19.44 -23.14 0.79
CA ASP A 85 -20.46 -23.86 1.58
C ASP A 85 -19.93 -25.17 2.17
N ASP A 86 -18.80 -25.65 1.65
CA ASP A 86 -18.16 -26.85 2.17
C ASP A 86 -17.42 -26.61 3.47
N LYS A 87 -17.53 -25.39 4.01
CA LYS A 87 -17.00 -25.01 5.33
C LYS A 87 -15.50 -24.67 5.28
N THR A 88 -14.89 -24.67 4.09
CA THR A 88 -13.50 -24.34 3.93
C THR A 88 -13.31 -23.09 3.09
N LEU A 89 -12.13 -22.53 3.20
CA LEU A 89 -11.58 -21.68 2.18
C LEU A 89 -10.44 -22.39 1.47
N LYS A 90 -10.19 -22.01 0.23
CA LYS A 90 -9.03 -22.53 -0.49
C LYS A 90 -8.20 -21.37 -1.05
N ILE A 91 -6.88 -21.52 -0.97
CA ILE A 91 -5.94 -20.57 -1.57
C ILE A 91 -5.45 -21.21 -2.86
N TRP A 92 -5.53 -20.47 -3.98
CA TRP A 92 -5.24 -20.98 -5.31
C TRP A 92 -4.09 -20.21 -5.95
N ASP A 93 -3.19 -20.92 -6.60
CA ASP A 93 -2.20 -20.28 -7.46
C ASP A 93 -2.89 -20.06 -8.78
N VAL A 94 -3.05 -18.81 -9.18
CA VAL A 94 -3.87 -18.50 -10.35
C VAL A 94 -3.26 -19.03 -11.63
N SER A 95 -1.92 -18.98 -11.72
CA SER A 95 -1.19 -19.39 -12.94
C SER A 95 -1.34 -20.88 -13.23
N SER A 96 -1.21 -21.72 -12.21
CA SER A 96 -1.35 -23.16 -12.40
C SER A 96 -2.79 -23.67 -12.19
N GLY A 97 -3.62 -22.92 -11.47
CA GLY A 97 -4.95 -23.37 -11.13
C GLY A 97 -4.97 -24.30 -9.94
N LYS A 98 -3.82 -24.51 -9.29
CA LYS A 98 -3.68 -25.50 -8.25
C LYS A 98 -4.07 -24.96 -6.89
N CYS A 99 -4.69 -25.81 -6.09
CA CYS A 99 -5.00 -25.48 -4.71
C CYS A 99 -3.75 -25.62 -3.85
N LEU A 100 -3.32 -24.52 -3.25
CA LEU A 100 -2.11 -24.48 -2.42
C LEU A 100 -2.40 -24.85 -0.98
N LYS A 101 -3.51 -24.36 -0.45
CA LYS A 101 -3.92 -24.66 0.91
C LYS A 101 -5.43 -24.75 0.99
N THR A 102 -5.91 -25.60 1.90
CA THR A 102 -7.30 -25.63 2.30
C THR A 102 -7.35 -25.20 3.77
N LEU A 103 -8.16 -24.17 4.04
CA LEU A 103 -8.28 -23.54 5.35
C LEU A 103 -9.49 -24.11 6.06
N LYS A 104 -9.24 -24.90 7.12
CA LYS A 104 -10.26 -25.65 7.80
C LYS A 104 -10.39 -25.13 9.21
N GLY A 105 -11.62 -24.98 9.67
CA GLY A 105 -11.86 -24.48 11.03
C GLY A 105 -13.27 -23.99 11.24
N HIS A 106 -13.83 -23.30 10.25
CA HIS A 106 -15.22 -22.87 10.37
C HIS A 106 -16.11 -24.11 10.53
N SER A 107 -17.21 -23.96 11.27
CA SER A 107 -18.13 -25.07 11.52
C SER A 107 -19.39 -25.02 10.66
N ASN A 108 -19.48 -24.05 9.76
CA ASN A 108 -20.55 -24.00 8.78
C ASN A 108 -20.14 -23.16 7.55
N TYR A 109 -21.10 -22.87 6.68
CA TYR A 109 -20.82 -22.23 5.38
C TYR A 109 -19.92 -21.03 5.57
N VAL A 110 -18.92 -20.88 4.71
CA VAL A 110 -18.08 -19.68 4.71
C VAL A 110 -18.60 -18.77 3.60
N PHE A 111 -18.95 -17.54 3.97
CA PHE A 111 -19.65 -16.66 3.05
C PHE A 111 -18.81 -15.59 2.42
N CYS A 112 -17.73 -15.20 3.05
CA CYS A 112 -16.96 -14.02 2.63
C CYS A 112 -15.51 -14.14 3.01
N CYS A 113 -14.68 -13.50 2.20
CA CYS A 113 -13.25 -13.56 2.38
C CYS A 113 -12.52 -12.40 1.77
N ASN A 114 -11.32 -12.14 2.29
CA ASN A 114 -10.43 -11.13 1.74
C ASN A 114 -9.01 -11.34 2.22
N PHE A 115 -8.05 -11.00 1.37
CA PHE A 115 -6.66 -10.85 1.81
C PHE A 115 -6.48 -9.49 2.47
N ASN A 116 -5.53 -9.37 3.40
CA ASN A 116 -5.07 -8.03 3.72
C ASN A 116 -4.21 -7.48 2.58
N PRO A 117 -4.02 -6.15 2.53
CA PRO A 117 -3.17 -5.57 1.45
C PRO A 117 -1.77 -6.20 1.37
N GLN A 118 -1.14 -6.39 2.53
CA GLN A 118 0.14 -7.12 2.65
C GLN A 118 0.07 -8.52 2.05
N SER A 119 -1.15 -9.08 2.06
CA SER A 119 -1.46 -10.44 1.56
C SER A 119 -0.76 -11.60 2.29
N ASN A 120 -0.37 -11.37 3.55
CA ASN A 120 0.09 -12.43 4.41
C ASN A 120 -1.04 -13.00 5.28
N LEU A 121 -2.19 -12.34 5.30
CA LEU A 121 -3.36 -12.81 6.06
C LEU A 121 -4.60 -12.89 5.19
N ILE A 122 -5.48 -13.83 5.55
CA ILE A 122 -6.84 -13.88 5.00
C ILE A 122 -7.79 -13.70 6.16
N VAL A 123 -8.87 -12.94 5.93
CA VAL A 123 -10.01 -12.87 6.85
C VAL A 123 -11.20 -13.54 6.22
N SER A 124 -12.01 -14.23 7.03
CA SER A 124 -13.19 -14.94 6.55
C SER A 124 -14.34 -14.75 7.52
N GLY A 125 -15.55 -14.82 7.01
CA GLY A 125 -16.73 -14.84 7.84
C GLY A 125 -17.67 -15.93 7.42
N SER A 126 -18.41 -16.42 8.40
CA SER A 126 -19.20 -17.62 8.25
C SER A 126 -20.59 -17.53 8.86
N PHE A 127 -21.45 -18.40 8.37
CA PHE A 127 -22.73 -18.68 9.02
C PHE A 127 -22.56 -19.06 10.49
N ASP A 128 -21.43 -19.66 10.82
CA ASP A 128 -21.11 -20.00 12.22
C ASP A 128 -20.92 -18.80 13.14
N GLU A 129 -21.04 -17.57 12.61
CA GLU A 129 -21.08 -16.35 13.42
C GLU A 129 -19.70 -15.84 13.82
N SER A 130 -18.65 -16.52 13.36
CA SER A 130 -17.29 -16.09 13.67
C SER A 130 -16.62 -15.44 12.49
N VAL A 131 -15.57 -14.70 12.81
CA VAL A 131 -14.62 -14.14 11.87
C VAL A 131 -13.31 -14.83 12.18
N ARG A 132 -12.67 -15.43 11.19
CA ARG A 132 -11.36 -16.02 11.38
CA ARG A 132 -11.34 -16.04 11.37
C ARG A 132 -10.27 -15.30 10.59
N ILE A 133 -9.07 -15.28 11.16
CA ILE A 133 -7.90 -14.67 10.52
C ILE A 133 -6.92 -15.80 10.33
N TRP A 134 -6.41 -15.93 9.10
CA TRP A 134 -5.61 -17.09 8.68
C TRP A 134 -4.25 -16.64 8.13
N ASP A 135 -3.23 -17.44 8.43
CA ASP A 135 -1.91 -17.24 7.86
C ASP A 135 -1.88 -17.83 6.45
N VAL A 136 -1.58 -16.99 5.47
CA VAL A 136 -1.51 -17.42 4.07
C VAL A 136 -0.40 -18.45 3.85
N LYS A 137 0.75 -18.26 4.47
CA LYS A 137 1.92 -19.09 4.17
C LYS A 137 1.69 -20.52 4.63
N THR A 138 1.19 -20.67 5.86
CA THR A 138 0.99 -21.99 6.46
C THR A 138 -0.43 -22.53 6.29
N GLY A 139 -1.39 -21.65 6.03
CA GLY A 139 -2.78 -22.04 6.00
C GLY A 139 -3.41 -22.25 7.36
N LYS A 140 -2.70 -21.90 8.44
CA LYS A 140 -3.25 -22.10 9.79
C LYS A 140 -4.11 -20.92 10.26
N CYS A 141 -5.12 -21.23 11.07
CA CYS A 141 -5.95 -20.21 11.66
C CYS A 141 -5.19 -19.59 12.82
N LEU A 142 -4.97 -18.29 12.75
CA LEU A 142 -4.29 -17.53 13.80
C LEU A 142 -5.24 -17.04 14.89
N LYS A 143 -6.45 -16.64 14.53
CA LYS A 143 -7.40 -16.11 15.49
C LYS A 143 -8.81 -16.47 15.07
N THR A 144 -9.67 -16.77 16.03
CA THR A 144 -11.10 -16.89 15.81
C THR A 144 -11.72 -15.81 16.65
N LEU A 145 -12.40 -14.87 16.00
CA LEU A 145 -13.04 -13.78 16.71
C LEU A 145 -14.48 -14.17 16.97
N PRO A 146 -14.94 -14.02 18.22
CA PRO A 146 -16.35 -14.25 18.54
C PRO A 146 -17.14 -13.02 18.12
N ALA A 147 -17.26 -12.88 16.80
CA ALA A 147 -17.56 -11.60 16.23
C ALA A 147 -19.01 -11.14 16.34
N HIS A 148 -19.93 -12.08 16.19
CA HIS A 148 -21.33 -11.74 15.98
C HIS A 148 -22.23 -12.81 16.56
N SER A 149 -23.53 -12.51 16.62
CA SER A 149 -24.49 -13.45 17.16
C SER A 149 -25.45 -13.97 16.09
N ASP A 150 -25.04 -13.86 14.84
CA ASP A 150 -25.78 -14.35 13.67
C ASP A 150 -24.80 -14.42 12.50
N PRO A 151 -25.22 -14.99 11.35
CA PRO A 151 -24.28 -15.11 10.27
C PRO A 151 -23.55 -13.83 9.86
N VAL A 152 -22.27 -13.98 9.53
CA VAL A 152 -21.41 -12.87 9.07
C VAL A 152 -21.49 -12.77 7.54
N SER A 153 -21.87 -11.60 7.03
CA SER A 153 -22.15 -11.43 5.60
C SER A 153 -20.97 -10.87 4.80
N ALA A 154 -20.08 -10.12 5.46
CA ALA A 154 -18.95 -9.46 4.80
C ALA A 154 -17.83 -9.21 5.78
N VAL A 155 -16.60 -9.28 5.27
CA VAL A 155 -15.36 -8.95 5.99
C VAL A 155 -14.40 -8.22 5.04
N HIS A 156 -13.70 -7.23 5.57
CA HIS A 156 -12.84 -6.35 4.74
C HIS A 156 -11.75 -5.72 5.57
N PHE A 157 -10.52 -5.71 5.06
CA PHE A 157 -9.43 -4.97 5.72
C PHE A 157 -9.43 -3.53 5.18
N ASN A 158 -8.95 -2.61 6.01
CA ASN A 158 -8.65 -1.25 5.54
C ASN A 158 -7.33 -1.23 4.75
N ARG A 159 -7.03 -0.04 4.23
CA ARG A 159 -5.94 0.15 3.29
C ARG A 159 -4.57 -0.19 3.86
N ASP A 160 -4.34 0.02 5.16
CA ASP A 160 -3.05 -0.37 5.72
C ASP A 160 -3.07 -1.73 6.42
N GLY A 161 -4.23 -2.40 6.39
CA GLY A 161 -4.37 -3.70 7.00
C GLY A 161 -4.52 -3.76 8.52
N SER A 162 -4.53 -2.60 9.18
CA SER A 162 -4.53 -2.59 10.63
C SER A 162 -5.92 -2.84 11.20
N LEU A 163 -6.96 -2.66 10.37
CA LEU A 163 -8.34 -2.86 10.83
C LEU A 163 -9.11 -3.82 9.91
N ILE A 164 -10.07 -4.50 10.51
CA ILE A 164 -11.05 -5.32 9.82
C ILE A 164 -12.42 -4.76 10.13
N VAL A 165 -13.32 -4.77 9.14
CA VAL A 165 -14.72 -4.49 9.38
C VAL A 165 -15.53 -5.73 9.04
N SER A 166 -16.52 -6.03 9.87
CA SER A 166 -17.45 -7.15 9.65
C SER A 166 -18.88 -6.73 9.79
N SER A 167 -19.75 -7.36 9.02
CA SER A 167 -21.19 -7.14 9.11
C SER A 167 -21.90 -8.45 9.36
N SER A 168 -23.09 -8.37 9.96
CA SER A 168 -23.83 -9.57 10.32
C SER A 168 -25.33 -9.36 10.28
N TYR A 169 -26.00 -10.51 10.12
CA TYR A 169 -27.44 -10.57 10.31
C TYR A 169 -27.91 -10.14 11.68
N ASP A 170 -26.99 -10.04 12.65
CA ASP A 170 -27.36 -9.54 13.98
C ASP A 170 -27.65 -8.05 13.97
N GLY A 171 -27.45 -7.40 12.84
CA GLY A 171 -27.74 -5.97 12.71
C GLY A 171 -26.58 -5.04 13.03
N LEU A 172 -25.40 -5.62 13.28
CA LEU A 172 -24.22 -4.84 13.69
C LEU A 172 -23.17 -4.82 12.61
N CYS A 173 -22.44 -3.71 12.57
CA CYS A 173 -21.10 -3.67 12.02
C CYS A 173 -20.10 -3.54 13.16
N ARG A 174 -18.97 -4.22 13.03
CA ARG A 174 -17.90 -4.15 14.02
C ARG A 174 -16.56 -3.89 13.38
N ILE A 175 -15.74 -3.12 14.07
CA ILE A 175 -14.40 -2.76 13.62
C ILE A 175 -13.44 -3.44 14.59
N TRP A 176 -12.48 -4.20 14.05
CA TRP A 176 -11.56 -5.03 14.81
C TRP A 176 -10.11 -4.60 14.53
N ASP A 177 -9.30 -4.54 15.58
CA ASP A 177 -7.86 -4.40 15.44
C ASP A 177 -7.30 -5.74 14.96
N THR A 178 -6.68 -5.74 13.79
CA THR A 178 -6.15 -6.98 13.20
C THR A 178 -5.21 -7.71 14.14
N ALA A 179 -4.24 -6.99 14.69
CA ALA A 179 -3.13 -7.65 15.41
C ALA A 179 -3.55 -8.29 16.73
N SER A 180 -4.44 -7.61 17.45
CA SER A 180 -4.94 -8.09 18.76
C SER A 180 -6.26 -8.83 18.68
N GLY A 181 -6.99 -8.67 17.57
CA GLY A 181 -8.33 -9.24 17.45
C GLY A 181 -9.40 -8.62 18.35
N GLN A 182 -9.09 -7.47 18.96
CA GLN A 182 -10.06 -6.80 19.82
C GLN A 182 -11.02 -5.92 19.03
N CYS A 183 -12.26 -5.85 19.49
CA CYS A 183 -13.26 -5.00 18.88
C CYS A 183 -13.06 -3.57 19.34
N LEU A 184 -12.84 -2.66 18.41
CA LEU A 184 -12.63 -1.25 18.70
C LEU A 184 -13.92 -0.46 18.63
N LYS A 185 -14.86 -0.88 17.79
CA LYS A 185 -16.11 -0.14 17.64
C LYS A 185 -17.23 -1.06 17.22
N THR A 186 -18.41 -0.88 17.82
CA THR A 186 -19.63 -1.52 17.37
C THR A 186 -20.54 -0.42 16.89
N LEU A 187 -21.05 -0.55 15.66
CA LEU A 187 -22.04 0.36 15.11
C LEU A 187 -23.41 -0.27 15.23
N ILE A 188 -24.27 0.39 16.00
CA ILE A 188 -25.61 -0.11 16.30
C ILE A 188 -26.62 1.03 16.16
N ASP A 189 -27.57 0.85 15.26
CA ASP A 189 -28.65 1.82 15.03
C ASP A 189 -29.77 1.65 16.04
N ASP A 190 -30.82 2.44 15.89
CA ASP A 190 -32.03 2.31 16.72
C ASP A 190 -32.84 1.06 16.34
N ASP A 191 -32.93 0.79 15.04
CA ASP A 191 -33.51 -0.46 14.53
C ASP A 191 -32.37 -1.29 13.95
N ASN A 192 -32.54 -2.61 13.88
CA ASN A 192 -31.41 -3.50 13.58
C ASN A 192 -31.66 -4.53 12.47
N PRO A 193 -32.02 -4.08 11.26
CA PRO A 193 -32.18 -5.05 10.19
C PRO A 193 -30.81 -5.68 9.88
N PRO A 194 -30.83 -6.87 9.26
CA PRO A 194 -29.58 -7.52 8.90
C PRO A 194 -28.68 -6.63 8.07
N VAL A 195 -27.38 -6.65 8.39
CA VAL A 195 -26.39 -5.93 7.60
C VAL A 195 -25.82 -6.96 6.63
N SER A 196 -26.09 -6.73 5.36
CA SER A 196 -25.85 -7.70 4.31
C SER A 196 -24.50 -7.49 3.58
N PHE A 197 -23.83 -6.35 3.82
CA PHE A 197 -22.57 -6.02 3.16
C PHE A 197 -21.89 -4.87 3.91
N VAL A 198 -20.57 -4.85 3.94
CA VAL A 198 -19.83 -3.71 4.43
C VAL A 198 -18.43 -3.70 3.80
N LYS A 199 -17.89 -2.50 3.61
CA LYS A 199 -16.47 -2.35 3.26
C LYS A 199 -16.01 -0.97 3.68
N PHE A 200 -14.71 -0.82 3.92
CA PHE A 200 -14.09 0.48 4.08
C PHE A 200 -14.09 1.26 2.78
N SER A 201 -14.17 2.58 2.89
CA SER A 201 -13.94 3.46 1.77
C SER A 201 -12.46 3.43 1.42
N PRO A 202 -12.11 3.91 0.21
CA PRO A 202 -10.71 3.92 -0.22
C PRO A 202 -9.75 4.56 0.79
N ASN A 203 -10.18 5.66 1.42
CA ASN A 203 -9.33 6.36 2.39
C ASN A 203 -9.38 5.80 3.80
N GLY A 204 -10.27 4.83 4.02
CA GLY A 204 -10.34 4.12 5.30
C GLY A 204 -11.07 4.84 6.42
N LYS A 205 -11.57 6.06 6.14
CA LYS A 205 -12.21 6.88 7.16
C LYS A 205 -13.69 6.53 7.33
N TYR A 206 -14.30 5.98 6.27
CA TYR A 206 -15.71 5.65 6.29
C TYR A 206 -15.92 4.16 6.05
N ILE A 207 -17.12 3.70 6.36
CA ILE A 207 -17.56 2.39 5.88
C ILE A 207 -18.86 2.53 5.10
N LEU A 208 -18.99 1.75 4.04
CA LEU A 208 -20.22 1.63 3.30
C LEU A 208 -20.92 0.34 3.70
N ALA A 209 -22.12 0.44 4.23
CA ALA A 209 -22.89 -0.72 4.73
C ALA A 209 -24.25 -0.83 4.07
N ALA A 210 -24.63 -2.04 3.64
CA ALA A 210 -25.95 -2.33 3.10
C ALA A 210 -26.75 -3.04 4.16
N THR A 211 -28.03 -2.73 4.23
CA THR A 211 -28.98 -3.41 5.13
C THR A 211 -30.16 -3.93 4.29
N LEU A 212 -30.81 -5.00 4.79
CA LEU A 212 -31.95 -5.59 4.07
C LEU A 212 -33.27 -4.76 4.24
N ASP A 213 -33.09 -3.49 4.60
CA ASP A 213 -34.12 -2.45 4.45
C ASP A 213 -33.90 -1.62 3.15
N ASN A 214 -33.42 -2.27 2.07
CA ASN A 214 -33.26 -1.63 0.77
C ASN A 214 -32.42 -0.34 0.83
N THR A 215 -31.40 -0.31 1.68
CA THR A 215 -30.66 0.92 1.95
C THR A 215 -29.16 0.67 2.06
N LEU A 216 -28.37 1.56 1.46
CA LEU A 216 -26.92 1.63 1.63
C LEU A 216 -26.63 2.90 2.41
N LYS A 217 -25.69 2.82 3.34
CA LYS A 217 -25.32 3.96 4.18
C LYS A 217 -23.82 4.14 4.26
N LEU A 218 -23.37 5.39 4.17
CA LEU A 218 -21.99 5.73 4.36
C LEU A 218 -21.83 6.28 5.77
N TRP A 219 -20.96 5.66 6.56
CA TRP A 219 -20.78 5.99 7.98
C TRP A 219 -19.38 6.46 8.26
N ASP A 220 -19.28 7.51 9.07
CA ASP A 220 -18.06 7.81 9.81
C ASP A 220 -18.12 6.96 11.08
N TYR A 221 -17.36 5.86 11.11
CA TYR A 221 -17.46 4.89 12.20
C TYR A 221 -16.78 5.37 13.47
N SER A 222 -15.79 6.26 13.34
CA SER A 222 -15.17 6.92 14.49
C SER A 222 -16.20 7.73 15.28
N LYS A 223 -16.96 8.56 14.57
CA LYS A 223 -17.95 9.44 15.20
C LYS A 223 -19.35 8.83 15.32
N GLY A 224 -19.58 7.72 14.62
CA GLY A 224 -20.87 7.04 14.65
C GLY A 224 -21.96 7.86 13.98
N LYS A 225 -21.62 8.48 12.86
CA LYS A 225 -22.54 9.37 12.14
C LYS A 225 -22.76 8.89 10.71
N CYS A 226 -24.02 8.74 10.32
CA CYS A 226 -24.36 8.41 8.93
C CYS A 226 -24.36 9.67 8.08
N LEU A 227 -23.40 9.75 7.17
CA LEU A 227 -23.20 10.93 6.32
C LEU A 227 -24.05 10.89 5.05
N LYS A 228 -24.11 9.73 4.39
CA LYS A 228 -24.92 9.59 3.18
C LYS A 228 -25.78 8.34 3.22
N THR A 229 -26.85 8.36 2.45
CA THR A 229 -27.76 7.25 2.34
C THR A 229 -28.06 7.10 0.85
N TYR A 230 -28.11 5.87 0.35
CA TYR A 230 -28.37 5.59 -1.06
C TYR A 230 -29.53 4.60 -1.14
N THR A 231 -30.63 5.00 -1.78
CA THR A 231 -31.86 4.21 -1.84
C THR A 231 -32.47 4.20 -3.23
N GLY A 232 -33.54 3.43 -3.40
CA GLY A 232 -34.24 3.33 -4.67
C GLY A 232 -34.09 2.01 -5.40
N HIS A 233 -33.07 1.25 -5.00
CA HIS A 233 -32.89 -0.12 -5.43
C HIS A 233 -33.67 -1.10 -4.55
N LYS A 234 -33.69 -2.37 -4.95
CA LYS A 234 -34.41 -3.42 -4.24
CA LYS A 234 -34.40 -3.41 -4.20
C LYS A 234 -33.37 -4.33 -3.56
N ASN A 235 -33.41 -4.43 -2.23
CA ASN A 235 -32.48 -5.31 -1.52
C ASN A 235 -33.08 -5.63 -0.17
N GLU A 236 -33.85 -6.71 -0.13
CA GLU A 236 -34.48 -7.19 1.10
C GLU A 236 -34.17 -8.64 1.43
N LYS A 237 -33.41 -9.34 0.58
CA LYS A 237 -33.20 -10.77 0.77
C LYS A 237 -31.75 -11.25 0.62
N TYR A 238 -31.08 -10.80 -0.45
CA TYR A 238 -29.76 -11.32 -0.82
C TYR A 238 -28.68 -10.38 -0.32
N CYS A 239 -27.49 -10.93 -0.11
CA CYS A 239 -26.37 -10.14 0.34
C CYS A 239 -25.63 -9.67 -0.90
N ILE A 240 -25.94 -8.44 -1.29
CA ILE A 240 -25.51 -7.83 -2.54
C ILE A 240 -24.34 -6.91 -2.27
N PHE A 241 -23.30 -7.07 -3.07
CA PHE A 241 -22.09 -6.32 -2.91
C PHE A 241 -22.29 -4.91 -3.44
N ALA A 242 -21.59 -3.96 -2.85
CA ALA A 242 -21.53 -2.59 -3.37
C ALA A 242 -20.08 -2.12 -3.48
N ASN A 243 -19.89 -1.02 -4.20
CA ASN A 243 -18.56 -0.52 -4.53
C ASN A 243 -18.51 0.99 -4.58
N PHE A 244 -17.33 1.51 -4.30
CA PHE A 244 -17.00 2.90 -4.62
C PHE A 244 -16.36 2.87 -5.99
N SER A 245 -16.87 3.65 -6.94
CA SER A 245 -16.25 3.75 -8.25
C SER A 245 -15.47 5.07 -8.27
N VAL A 246 -14.18 4.98 -8.56
CA VAL A 246 -13.30 6.16 -8.39
C VAL A 246 -12.40 6.49 -9.57
N THR A 247 -12.54 5.77 -10.68
CA THR A 247 -11.67 5.97 -11.85
C THR A 247 -12.12 7.15 -12.69
N GLY A 248 -13.40 7.50 -12.60
CA GLY A 248 -13.96 8.67 -13.28
C GLY A 248 -14.65 9.54 -12.27
N GLY A 249 -15.95 9.76 -12.45
CA GLY A 249 -16.74 10.45 -11.44
C GLY A 249 -16.85 9.56 -10.22
N LYS A 250 -17.13 10.16 -9.07
CA LYS A 250 -17.18 9.40 -7.83
C LYS A 250 -18.61 8.91 -7.59
N TRP A 251 -18.79 7.60 -7.81
CA TRP A 251 -20.09 6.96 -7.72
C TRP A 251 -20.12 5.87 -6.65
N ILE A 252 -21.33 5.52 -6.27
CA ILE A 252 -21.61 4.26 -5.55
C ILE A 252 -22.29 3.32 -6.55
N VAL A 253 -21.90 2.06 -6.57
CA VAL A 253 -22.43 1.05 -7.51
C VAL A 253 -22.95 -0.14 -6.70
N SER A 254 -24.13 -0.64 -7.03
CA SER A 254 -24.67 -1.83 -6.36
C SER A 254 -25.55 -2.59 -7.34
N GLY A 255 -25.63 -3.90 -7.17
CA GLY A 255 -26.68 -4.68 -7.78
C GLY A 255 -27.99 -4.50 -7.06
N SER A 256 -29.02 -5.18 -7.55
CA SER A 256 -30.36 -5.01 -7.03
C SER A 256 -31.20 -6.21 -7.38
N GLU A 257 -32.21 -6.45 -6.55
CA GLU A 257 -33.14 -7.54 -6.72
C GLU A 257 -34.17 -7.32 -7.84
N ASP A 258 -34.18 -6.15 -8.46
CA ASP A 258 -35.00 -5.93 -9.68
C ASP A 258 -34.21 -6.14 -10.99
N ASN A 259 -33.06 -6.82 -10.88
CA ASN A 259 -32.24 -7.25 -12.01
C ASN A 259 -31.41 -6.13 -12.66
N LEU A 260 -31.28 -4.97 -11.99
CA LEU A 260 -30.56 -3.81 -12.50
C LEU A 260 -29.30 -3.53 -11.67
N VAL A 261 -28.30 -2.94 -12.32
CA VAL A 261 -27.19 -2.31 -11.61
C VAL A 261 -27.55 -0.84 -11.38
N TYR A 262 -27.47 -0.40 -10.12
CA TYR A 262 -27.73 1.00 -9.75
C TYR A 262 -26.42 1.74 -9.55
N ILE A 263 -26.38 2.99 -10.01
CA ILE A 263 -25.22 3.86 -9.85
C ILE A 263 -25.73 5.17 -9.31
N TRP A 264 -25.12 5.61 -8.20
CA TRP A 264 -25.47 6.85 -7.52
C TRP A 264 -24.29 7.81 -7.52
N ASN A 265 -24.59 9.12 -7.58
CA ASN A 265 -23.65 10.17 -7.26
C ASN A 265 -23.37 10.09 -5.77
N LEU A 266 -22.11 9.94 -5.40
CA LEU A 266 -21.72 9.73 -4.00
C LEU A 266 -22.13 10.92 -3.13
N GLN A 267 -21.96 12.12 -3.65
CA GLN A 267 -22.20 13.33 -2.87
C GLN A 267 -23.67 13.69 -2.80
N THR A 268 -24.37 13.64 -3.93
CA THR A 268 -25.76 14.10 -4.00
C THR A 268 -26.75 13.02 -3.61
N LYS A 269 -26.31 11.76 -3.70
CA LYS A 269 -27.16 10.58 -3.45
C LYS A 269 -28.19 10.33 -4.55
N GLU A 270 -28.12 11.05 -5.66
CA GLU A 270 -29.07 10.85 -6.75
C GLU A 270 -28.68 9.61 -7.55
N ILE A 271 -29.68 8.84 -7.96
CA ILE A 271 -29.46 7.77 -8.92
C ILE A 271 -29.12 8.41 -10.26
N VAL A 272 -27.93 8.07 -10.78
CA VAL A 272 -27.42 8.63 -12.05
C VAL A 272 -27.52 7.67 -13.25
N GLN A 273 -27.56 6.36 -13.01
CA GLN A 273 -27.80 5.39 -14.07
C GLN A 273 -28.31 4.08 -13.48
N LYS A 274 -29.07 3.35 -14.29
CA LYS A 274 -29.58 2.05 -13.96
C LYS A 274 -29.29 1.19 -15.17
N LEU A 275 -28.49 0.13 -14.99
CA LEU A 275 -28.05 -0.67 -16.13
C LEU A 275 -28.94 -1.89 -16.29
N GLN A 276 -29.52 -2.03 -17.48
CA GLN A 276 -30.54 -3.00 -17.74
C GLN A 276 -29.96 -4.06 -18.68
N GLY A 277 -30.27 -5.32 -18.40
CA GLY A 277 -29.85 -6.43 -19.22
C GLY A 277 -29.91 -7.79 -18.55
N HIS A 278 -29.58 -7.85 -17.27
CA HIS A 278 -29.65 -9.11 -16.55
C HIS A 278 -31.10 -9.55 -16.38
N THR A 279 -31.26 -10.85 -16.20
CA THR A 279 -32.56 -11.48 -16.09
C THR A 279 -32.76 -12.14 -14.72
N ASP A 280 -31.93 -11.80 -13.73
CA ASP A 280 -32.16 -12.24 -12.38
C ASP A 280 -31.42 -11.26 -11.49
N VAL A 281 -31.60 -11.46 -10.19
CA VAL A 281 -30.97 -10.66 -9.15
C VAL A 281 -29.49 -10.42 -9.45
N VAL A 282 -29.06 -9.16 -9.41
CA VAL A 282 -27.66 -8.83 -9.61
C VAL A 282 -27.02 -8.83 -8.23
N ILE A 283 -26.34 -9.93 -7.87
CA ILE A 283 -25.83 -10.11 -6.51
C ILE A 283 -24.43 -9.54 -6.31
N SER A 284 -23.67 -9.35 -7.38
CA SER A 284 -22.31 -8.85 -7.26
C SER A 284 -21.98 -7.87 -8.36
N THR A 285 -21.29 -6.82 -7.97
CA THR A 285 -20.70 -5.87 -8.90
C THR A 285 -19.27 -5.65 -8.48
N ALA A 286 -18.46 -5.28 -9.47
CA ALA A 286 -17.06 -4.90 -9.26
C ALA A 286 -16.68 -3.74 -10.19
N CYS A 287 -15.83 -2.86 -9.68
CA CYS A 287 -15.30 -1.73 -10.46
C CYS A 287 -13.81 -1.95 -10.79
N HIS A 288 -13.44 -1.81 -12.05
CA HIS A 288 -12.04 -1.99 -12.49
C HIS A 288 -11.11 -0.98 -11.79
N PRO A 289 -9.88 -1.40 -11.46
CA PRO A 289 -9.01 -0.50 -10.67
C PRO A 289 -8.47 0.74 -11.38
N THR A 290 -8.46 0.72 -12.71
CA THR A 290 -7.94 1.89 -13.44
C THR A 290 -8.81 2.42 -14.56
N GLU A 291 -9.65 1.58 -15.15
CA GLU A 291 -10.54 1.99 -16.22
C GLU A 291 -12.00 2.02 -15.73
N ASN A 292 -12.83 2.78 -16.44
CA ASN A 292 -14.25 2.89 -16.11
C ASN A 292 -15.00 1.67 -16.65
N ILE A 293 -14.87 0.54 -15.95
CA ILE A 293 -15.45 -0.72 -16.36
C ILE A 293 -16.13 -1.32 -15.12
N ILE A 294 -17.35 -1.80 -15.29
CA ILE A 294 -18.06 -2.50 -14.24
C ILE A 294 -18.29 -3.92 -14.70
N ALA A 295 -18.11 -4.87 -13.80
CA ALA A 295 -18.57 -6.24 -14.00
C ALA A 295 -19.74 -6.48 -13.09
N SER A 296 -20.78 -7.14 -13.60
CA SER A 296 -21.93 -7.49 -12.81
C SER A 296 -22.26 -8.97 -12.98
N ALA A 297 -22.82 -9.60 -11.95
CA ALA A 297 -23.11 -11.05 -11.98
C ALA A 297 -24.47 -11.33 -11.38
N ALA A 298 -25.21 -12.30 -11.94
CA ALA A 298 -26.57 -12.58 -11.54
C ALA A 298 -26.84 -14.03 -11.18
N LEU A 299 -28.00 -14.21 -10.53
CA LEU A 299 -28.41 -15.49 -10.00
C LEU A 299 -28.98 -16.43 -11.07
N GLU A 300 -29.57 -17.55 -10.65
CA GLU A 300 -29.68 -18.73 -11.53
C GLU A 300 -30.62 -18.66 -12.74
N ASN A 301 -31.51 -17.67 -12.82
CA ASN A 301 -32.27 -17.45 -14.07
C ASN A 301 -31.40 -16.87 -15.19
N ASP A 302 -30.22 -16.35 -14.81
CA ASP A 302 -29.35 -15.58 -15.70
C ASP A 302 -28.01 -16.34 -15.87
N LYS A 303 -27.26 -16.50 -14.77
CA LYS A 303 -26.00 -17.24 -14.74
CA LYS A 303 -26.00 -17.25 -14.75
C LYS A 303 -24.86 -16.56 -15.51
N THR A 304 -25.04 -15.29 -15.88
CA THR A 304 -24.03 -14.58 -16.64
C THR A 304 -23.39 -13.42 -15.90
N ILE A 305 -22.25 -13.02 -16.45
CA ILE A 305 -21.48 -11.88 -15.99
C ILE A 305 -21.53 -10.89 -17.15
N LYS A 306 -21.75 -9.61 -16.88
CA LYS A 306 -21.72 -8.61 -17.92
C LYS A 306 -20.65 -7.59 -17.66
N LEU A 307 -19.98 -7.18 -18.73
CA LEU A 307 -18.98 -6.12 -18.67
C LEU A 307 -19.53 -4.84 -19.31
N TRP A 308 -19.42 -3.75 -18.59
CA TRP A 308 -20.00 -2.45 -18.99
C TRP A 308 -18.89 -1.40 -19.01
N LYS A 309 -18.92 -0.48 -19.99
CA LYS A 309 -17.90 0.57 -20.08
C LYS A 309 -18.53 1.95 -20.22
N SER A 310 -17.91 2.93 -19.55
CA SER A 310 -18.33 4.33 -19.55
C SER A 310 -17.18 5.26 -19.93
N ASP A 311 -17.55 6.46 -20.41
CA ASP A 311 -16.57 7.51 -20.66
C ASP A 311 -16.20 8.26 -19.37
N CYS A 312 -17.01 8.12 -18.32
CA CYS A 312 -16.71 8.75 -17.02
C CYS A 312 -17.37 8.03 -15.84
N VAL B 9 20.26 -19.17 6.29
CA VAL B 9 19.19 -18.14 6.05
C VAL B 9 19.73 -17.05 5.14
N LYS B 10 19.31 -17.07 3.88
CA LYS B 10 19.55 -15.99 2.93
C LYS B 10 18.20 -15.56 2.35
N PRO B 11 18.04 -14.27 2.03
CA PRO B 11 16.77 -13.83 1.47
C PRO B 11 16.63 -14.32 0.04
N ASN B 12 15.40 -14.30 -0.48
CA ASN B 12 15.14 -14.69 -1.86
C ASN B 12 14.26 -13.65 -2.51
N TYR B 13 14.70 -12.40 -2.43
CA TYR B 13 13.96 -11.30 -3.05
C TYR B 13 13.75 -11.58 -4.52
N ALA B 14 12.50 -11.43 -4.96
CA ALA B 14 12.12 -11.62 -6.34
C ALA B 14 11.35 -10.40 -6.81
N LEU B 15 11.47 -10.09 -8.10
CA LEU B 15 10.84 -8.92 -8.70
C LEU B 15 9.33 -9.11 -8.78
N LYS B 16 8.60 -8.15 -8.25
CA LYS B 16 7.14 -8.17 -8.28
C LYS B 16 6.55 -7.10 -9.19
N PHE B 17 7.07 -5.87 -9.14
CA PHE B 17 6.53 -4.80 -9.96
C PHE B 17 7.64 -3.90 -10.45
N THR B 18 7.43 -3.35 -11.64
CA THR B 18 8.22 -2.23 -12.15
C THR B 18 7.28 -1.03 -12.35
N LEU B 19 7.61 0.06 -11.68
CA LEU B 19 6.78 1.27 -11.67
C LEU B 19 7.39 2.31 -12.60
N ALA B 20 6.74 2.51 -13.75
CA ALA B 20 7.16 3.44 -14.76
C ALA B 20 6.30 4.69 -14.72
N GLY B 21 6.92 5.82 -15.02
CA GLY B 21 6.18 7.07 -15.10
C GLY B 21 7.06 8.29 -15.02
N HIS B 22 8.11 8.22 -14.22
CA HIS B 22 9.05 9.32 -14.19
C HIS B 22 9.78 9.42 -15.54
N THR B 23 10.13 10.65 -15.94
CA THR B 23 10.69 10.90 -17.27
C THR B 23 12.17 11.23 -17.21
N LYS B 24 12.72 11.33 -16.00
CA LYS B 24 14.15 11.42 -15.81
C LYS B 24 14.55 10.51 -14.65
N ALA B 25 15.80 10.63 -14.19
CA ALA B 25 16.31 9.81 -13.06
C ALA B 25 15.36 9.86 -11.87
N VAL B 26 15.19 8.72 -11.22
CA VAL B 26 14.48 8.68 -9.96
C VAL B 26 15.51 8.81 -8.85
N SER B 27 15.34 9.79 -7.99
CA SER B 27 16.35 10.12 -6.98
C SER B 27 16.16 9.47 -5.62
N SER B 28 14.91 9.21 -5.23
CA SER B 28 14.62 8.70 -3.89
C SER B 28 13.28 8.00 -3.86
N VAL B 29 13.22 6.92 -3.07
CA VAL B 29 12.00 6.20 -2.79
C VAL B 29 11.91 5.99 -1.28
N LYS B 30 10.70 6.19 -0.75
CA LYS B 30 10.45 6.08 0.69
C LYS B 30 9.08 5.48 0.96
N PHE B 31 9.02 4.46 1.78
CA PHE B 31 7.72 3.89 2.21
C PHE B 31 7.12 4.77 3.28
N SER B 32 5.79 4.95 3.26
CA SER B 32 5.11 5.63 4.34
C SER B 32 5.24 4.84 5.65
N PRO B 33 5.22 5.54 6.79
CA PRO B 33 5.42 4.81 8.04
C PRO B 33 4.36 3.72 8.31
N ASN B 34 3.16 3.90 7.74
CA ASN B 34 2.07 2.94 7.88
C ASN B 34 2.10 1.83 6.83
N GLY B 35 3.13 1.82 5.98
CA GLY B 35 3.34 0.80 4.99
C GLY B 35 2.49 0.81 3.73
N GLU B 36 1.54 1.74 3.64
CA GLU B 36 0.55 1.70 2.58
C GLU B 36 1.05 2.24 1.25
N TRP B 37 1.94 3.23 1.33
CA TRP B 37 2.35 4.01 0.17
C TRP B 37 3.83 4.00 -0.02
N LEU B 38 4.24 4.19 -1.26
CA LEU B 38 5.61 4.53 -1.61
C LEU B 38 5.58 5.90 -2.27
N ALA B 39 6.45 6.80 -1.82
CA ALA B 39 6.70 8.06 -2.49
C ALA B 39 7.99 8.00 -3.28
N SER B 40 7.99 8.58 -4.48
CA SER B 40 9.21 8.69 -5.26
C SER B 40 9.44 10.14 -5.67
N SER B 41 10.71 10.51 -5.74
CA SER B 41 11.08 11.82 -6.29
C SER B 41 11.97 11.63 -7.51
N SER B 42 12.05 12.66 -8.37
CA SER B 42 12.79 12.55 -9.61
C SER B 42 13.40 13.87 -10.07
N ALA B 43 14.39 13.74 -10.95
CA ALA B 43 14.94 14.88 -11.65
C ALA B 43 13.90 15.55 -12.57
N ASP B 44 12.78 14.86 -12.85
CA ASP B 44 11.69 15.42 -13.61
C ASP B 44 10.83 16.43 -12.87
N LYS B 45 11.24 16.81 -11.64
CA LYS B 45 10.61 17.84 -10.83
C LYS B 45 9.33 17.34 -10.13
N LEU B 46 9.07 16.03 -10.18
CA LEU B 46 7.82 15.50 -9.68
C LEU B 46 8.03 14.52 -8.52
N ILE B 47 7.02 14.47 -7.66
CA ILE B 47 6.83 13.41 -6.70
C ILE B 47 5.68 12.54 -7.19
N LYS B 48 5.86 11.22 -7.10
CA LYS B 48 4.76 10.31 -7.38
C LYS B 48 4.48 9.43 -6.16
N ILE B 49 3.21 9.14 -5.93
CA ILE B 49 2.73 8.24 -4.88
C ILE B 49 2.19 6.99 -5.56
N TRP B 50 2.56 5.86 -4.98
CA TRP B 50 2.24 4.53 -5.51
C TRP B 50 1.78 3.65 -4.37
N GLY B 51 0.89 2.72 -4.66
CA GLY B 51 0.49 1.72 -3.68
C GLY B 51 1.63 0.76 -3.40
N ALA B 52 1.96 0.54 -2.13
CA ALA B 52 3.13 -0.25 -1.79
C ALA B 52 2.99 -1.74 -2.12
N TYR B 53 1.76 -2.26 -2.17
CA TYR B 53 1.55 -3.72 -2.31
C TYR B 53 1.11 -4.16 -3.70
N ASP B 54 0.46 -3.27 -4.45
CA ASP B 54 0.06 -3.58 -5.83
C ASP B 54 0.75 -2.70 -6.85
N GLY B 55 1.65 -1.84 -6.37
CA GLY B 55 2.41 -0.96 -7.26
C GLY B 55 1.61 0.07 -8.04
N LYS B 56 0.35 0.26 -7.68
CA LYS B 56 -0.57 1.07 -8.50
C LYS B 56 -0.29 2.56 -8.31
N PHE B 57 -0.08 3.27 -9.41
CA PHE B 57 0.05 4.72 -9.37
C PHE B 57 -1.16 5.35 -8.72
N GLU B 58 -0.90 6.26 -7.76
CA GLU B 58 -1.95 7.00 -7.04
C GLU B 58 -2.07 8.46 -7.49
N LYS B 59 -0.97 9.21 -7.43
CA LYS B 59 -0.98 10.60 -7.84
C LYS B 59 0.41 11.19 -8.07
N THR B 60 0.41 12.30 -8.79
CA THR B 60 1.59 13.13 -9.04
C THR B 60 1.44 14.42 -8.28
N ILE B 61 2.52 14.83 -7.61
CA ILE B 61 2.55 16.05 -6.83
C ILE B 61 3.60 16.93 -7.50
N SER B 62 3.20 18.15 -7.86
CA SER B 62 4.02 19.06 -8.66
CA SER B 62 4.04 19.04 -8.64
C SER B 62 4.10 20.43 -8.03
N GLY B 63 5.18 21.14 -8.37
CA GLY B 63 5.40 22.52 -7.94
C GLY B 63 6.85 22.98 -7.88
N HIS B 64 7.78 22.06 -7.61
CA HIS B 64 9.19 22.43 -7.68
C HIS B 64 9.56 22.86 -9.09
N LYS B 65 10.49 23.80 -9.18
CA LYS B 65 10.91 24.40 -10.45
C LYS B 65 12.12 23.72 -11.08
N LEU B 66 12.75 22.84 -10.30
CA LEU B 66 13.88 22.05 -10.75
C LEU B 66 13.78 20.65 -10.13
N GLY B 67 14.73 19.79 -10.47
CA GLY B 67 14.72 18.40 -10.00
C GLY B 67 14.67 18.27 -8.51
N ILE B 68 14.20 17.13 -8.05
CA ILE B 68 14.06 16.81 -6.64
C ILE B 68 15.04 15.69 -6.29
N SER B 69 15.82 15.88 -5.22
CA SER B 69 16.83 14.93 -4.78
CA SER B 69 16.83 14.90 -4.75
C SER B 69 16.31 13.98 -3.68
N ASP B 70 15.29 14.40 -2.93
CA ASP B 70 14.87 13.59 -1.78
C ASP B 70 13.44 13.91 -1.38
N VAL B 71 12.82 12.95 -0.69
CA VAL B 71 11.49 13.11 -0.11
CA VAL B 71 11.49 13.11 -0.08
C VAL B 71 11.48 12.34 1.22
N ALA B 72 10.61 12.74 2.15
CA ALA B 72 10.49 12.08 3.44
C ALA B 72 9.07 12.27 3.96
N TRP B 73 8.59 11.28 4.72
CA TRP B 73 7.22 11.28 5.28
C TRP B 73 7.19 11.75 6.71
N SER B 74 6.07 12.37 7.09
CA SER B 74 5.84 12.64 8.53
C SER B 74 5.40 11.35 9.19
N SER B 75 5.48 11.32 10.52
CA SER B 75 5.20 10.12 11.32
CA SER B 75 5.23 10.08 11.26
C SER B 75 3.78 9.60 11.14
N ASP B 76 2.85 10.50 10.83
CA ASP B 76 1.44 10.12 10.67
C ASP B 76 1.07 9.76 9.21
N SER B 77 2.07 9.74 8.34
CA SER B 77 1.89 9.37 6.92
C SER B 77 1.03 10.40 6.16
N ASN B 78 0.83 11.59 6.72
CA ASN B 78 -0.02 12.64 6.12
C ASN B 78 0.71 13.76 5.38
N LEU B 79 1.97 13.98 5.72
CA LEU B 79 2.77 15.02 5.12
C LEU B 79 4.01 14.45 4.47
N LEU B 80 4.46 15.15 3.44
CA LEU B 80 5.73 14.83 2.80
C LEU B 80 6.54 16.09 2.78
N VAL B 81 7.84 15.96 2.85
CA VAL B 81 8.76 17.06 2.57
C VAL B 81 9.66 16.66 1.41
N SER B 82 9.97 17.61 0.53
CA SER B 82 10.87 17.36 -0.63
C SER B 82 12.02 18.35 -0.66
N ALA B 83 13.19 17.89 -1.13
CA ALA B 83 14.39 18.73 -1.22
C ALA B 83 14.75 18.89 -2.69
N SER B 84 14.86 20.13 -3.16
CA SER B 84 15.02 20.39 -4.59
C SER B 84 16.30 21.17 -4.95
N ASP B 85 16.69 21.02 -6.20
CA ASP B 85 17.77 21.80 -6.83
C ASP B 85 17.36 23.27 -6.96
N ASP B 86 16.06 23.57 -6.84
CA ASP B 86 15.57 24.96 -6.86
C ASP B 86 15.87 25.72 -5.57
N LYS B 87 16.62 25.10 -4.68
CA LYS B 87 17.13 25.69 -3.42
C LYS B 87 16.11 25.72 -2.29
N THR B 88 14.93 25.14 -2.51
CA THR B 88 13.88 25.09 -1.51
C THR B 88 13.54 23.67 -1.12
N LEU B 89 12.89 23.54 0.03
CA LEU B 89 12.12 22.38 0.34
C LEU B 89 10.65 22.78 0.30
N LYS B 90 9.78 21.83 0.06
CA LYS B 90 8.35 22.04 0.14
C LYS B 90 7.72 20.99 1.07
N ILE B 91 6.74 21.42 1.86
CA ILE B 91 5.92 20.53 2.68
C ILE B 91 4.61 20.35 1.96
N TRP B 92 4.19 19.09 1.78
CA TRP B 92 3.01 18.77 1.02
C TRP B 92 1.98 18.04 1.86
N ASP B 93 0.71 18.32 1.61
CA ASP B 93 -0.35 17.52 2.18
C ASP B 93 -0.59 16.40 1.20
N VAL B 94 -0.35 15.16 1.61
CA VAL B 94 -0.39 14.07 0.64
C VAL B 94 -1.80 13.84 0.09
N SER B 95 -2.80 13.97 0.95
CA SER B 95 -4.18 13.67 0.55
C SER B 95 -4.68 14.62 -0.53
N SER B 96 -4.30 15.89 -0.43
CA SER B 96 -4.74 16.90 -1.41
C SER B 96 -3.73 17.17 -2.53
N GLY B 97 -2.48 16.76 -2.30
CA GLY B 97 -1.38 17.10 -3.22
C GLY B 97 -0.92 18.55 -3.17
N LYS B 98 -1.46 19.33 -2.25
CA LYS B 98 -1.17 20.75 -2.19
C LYS B 98 0.10 21.05 -1.42
N CYS B 99 0.83 22.06 -1.89
CA CYS B 99 2.00 22.58 -1.18
C CYS B 99 1.54 23.47 -0.04
N LEU B 100 1.85 23.07 1.18
CA LEU B 100 1.48 23.82 2.38
C LEU B 100 2.47 24.92 2.67
N LYS B 101 3.75 24.64 2.52
CA LYS B 101 4.81 25.61 2.84
C LYS B 101 5.97 25.40 1.90
N THR B 102 6.66 26.49 1.59
CA THR B 102 7.93 26.45 0.88
C THR B 102 9.02 26.99 1.83
N LEU B 103 10.03 26.15 2.05
CA LEU B 103 11.10 26.42 3.01
C LEU B 103 12.27 27.04 2.27
N LYS B 104 12.48 28.33 2.50
CA LYS B 104 13.48 29.12 1.78
C LYS B 104 14.58 29.56 2.72
N GLY B 105 15.82 29.47 2.27
CA GLY B 105 16.99 29.83 3.08
C GLY B 105 18.30 29.29 2.54
N HIS B 106 18.31 28.05 2.05
CA HIS B 106 19.54 27.51 1.50
C HIS B 106 19.96 28.37 0.28
N SER B 107 21.26 28.45 0.03
CA SER B 107 21.80 29.26 -1.05
C SER B 107 22.19 28.42 -2.27
N ASN B 108 21.97 27.12 -2.20
CA ASN B 108 22.18 26.26 -3.36
C ASN B 108 21.36 24.96 -3.21
N TYR B 109 21.55 24.02 -4.14
CA TYR B 109 20.76 22.77 -4.18
C TYR B 109 20.55 22.19 -2.78
N VAL B 110 19.32 21.77 -2.51
CA VAL B 110 19.02 21.04 -1.28
C VAL B 110 19.00 19.56 -1.65
N PHE B 111 19.80 18.75 -0.95
CA PHE B 111 19.99 17.37 -1.36
C PHE B 111 19.25 16.35 -0.52
N CYS B 112 18.97 16.64 0.73
CA CYS B 112 18.48 15.64 1.65
C CYS B 112 17.57 16.25 2.70
N CYS B 113 16.64 15.47 3.19
CA CYS B 113 15.63 15.96 4.13
C CYS B 113 15.00 14.87 4.96
N ASN B 114 14.52 15.24 6.13
CA ASN B 114 13.83 14.29 7.02
C ASN B 114 12.95 15.00 8.05
N PHE B 115 11.82 14.41 8.41
CA PHE B 115 11.07 14.84 9.60
C PHE B 115 11.66 14.16 10.83
N ASN B 116 11.54 14.82 11.99
CA ASN B 116 11.75 14.13 13.26
C ASN B 116 10.52 13.28 13.61
N PRO B 117 10.67 12.35 14.58
CA PRO B 117 9.56 11.48 14.96
C PRO B 117 8.29 12.24 15.39
N GLN B 118 8.48 13.27 16.22
CA GLN B 118 7.42 14.19 16.63
CA GLN B 118 7.39 14.15 16.62
C GLN B 118 6.78 14.85 15.40
N SER B 119 7.57 15.01 14.34
CA SER B 119 7.18 15.63 13.06
C SER B 119 6.83 17.12 13.18
N ASN B 120 7.35 17.79 14.19
CA ASN B 120 7.31 19.23 14.27
C ASN B 120 8.50 19.94 13.62
N LEU B 121 9.55 19.17 13.32
CA LEU B 121 10.77 19.71 12.72
C LEU B 121 11.13 18.96 11.45
N ILE B 122 11.78 19.69 10.55
CA ILE B 122 12.41 19.10 9.38
C ILE B 122 13.88 19.48 9.45
N VAL B 123 14.74 18.54 9.09
CA VAL B 123 16.18 18.81 8.91
C VAL B 123 16.50 18.71 7.43
N SER B 124 17.41 19.54 6.94
CA SER B 124 17.81 19.55 5.54
C SER B 124 19.32 19.73 5.39
N GLY B 125 19.86 19.26 4.29
CA GLY B 125 21.27 19.42 3.95
C GLY B 125 21.43 19.82 2.52
N SER B 126 22.43 20.65 2.25
CA SER B 126 22.56 21.30 0.97
C SER B 126 24.00 21.32 0.45
N PHE B 127 24.11 21.50 -0.85
CA PHE B 127 25.35 21.83 -1.51
C PHE B 127 26.04 23.04 -0.87
N ASP B 128 25.24 23.94 -0.30
CA ASP B 128 25.77 25.12 0.41
C ASP B 128 26.52 24.81 1.69
N GLU B 129 26.65 23.52 2.04
CA GLU B 129 27.54 23.04 3.12
C GLU B 129 26.90 23.20 4.49
N SER B 130 25.65 23.66 4.53
CA SER B 130 24.91 23.84 5.79
C SER B 130 23.86 22.75 6.03
N VAL B 131 23.52 22.58 7.28
CA VAL B 131 22.38 21.81 7.70
C VAL B 131 21.41 22.81 8.31
N ARG B 132 20.14 22.80 7.91
CA ARG B 132 19.14 23.70 8.48
CA ARG B 132 19.13 23.71 8.47
C ARG B 132 18.05 22.92 9.19
N ILE B 133 17.51 23.49 10.26
CA ILE B 133 16.43 22.87 11.02
C ILE B 133 15.24 23.82 10.92
N TRP B 134 14.07 23.28 10.56
CA TRP B 134 12.92 24.09 10.19
C TRP B 134 11.70 23.73 11.03
N ASP B 135 10.89 24.74 11.30
CA ASP B 135 9.61 24.57 11.99
C ASP B 135 8.53 24.15 10.97
N VAL B 136 7.92 22.99 11.17
CA VAL B 136 6.91 22.48 10.23
C VAL B 136 5.64 23.36 10.19
N LYS B 137 5.24 23.89 11.35
CA LYS B 137 3.99 24.64 11.47
C LYS B 137 4.05 25.95 10.70
N THR B 138 5.18 26.67 10.83
CA THR B 138 5.35 27.99 10.22
C THR B 138 6.16 28.00 8.92
N GLY B 139 6.92 26.92 8.67
CA GLY B 139 7.86 26.89 7.56
C GLY B 139 9.10 27.75 7.75
N LYS B 140 9.32 28.26 8.96
CA LYS B 140 10.45 29.11 9.20
C LYS B 140 11.69 28.30 9.60
N CYS B 141 12.86 28.81 9.24
CA CYS B 141 14.13 28.22 9.62
C CYS B 141 14.42 28.57 11.08
N LEU B 142 14.62 27.55 11.90
CA LEU B 142 14.94 27.77 13.32
C LEU B 142 16.42 27.85 13.59
N LYS B 143 17.22 27.06 12.87
CA LYS B 143 18.68 27.03 13.08
C LYS B 143 19.38 26.76 11.77
N THR B 144 20.50 27.43 11.52
CA THR B 144 21.40 27.09 10.42
C THR B 144 22.69 26.65 11.07
N LEU B 145 23.07 25.38 10.86
CA LEU B 145 24.29 24.84 11.40
C LEU B 145 25.38 24.99 10.35
N PRO B 146 26.52 25.56 10.74
CA PRO B 146 27.67 25.63 9.84
C PRO B 146 28.35 24.27 9.88
N ALA B 147 27.73 23.30 9.21
CA ALA B 147 27.90 21.91 9.56
C ALA B 147 29.18 21.31 8.99
N HIS B 148 29.53 21.72 7.78
CA HIS B 148 30.56 21.02 6.99
C HIS B 148 31.27 22.01 6.08
N SER B 149 32.35 21.55 5.44
CA SER B 149 33.10 22.39 4.51
C SER B 149 33.01 21.92 3.06
N ASP B 150 31.99 21.12 2.79
CA ASP B 150 31.69 20.63 1.45
C ASP B 150 30.23 20.18 1.43
N PRO B 151 29.69 19.85 0.24
CA PRO B 151 28.29 19.53 0.16
C PRO B 151 27.83 18.49 1.19
N VAL B 152 26.66 18.75 1.80
CA VAL B 152 26.04 17.79 2.73
C VAL B 152 25.23 16.77 1.92
N SER B 153 25.51 15.49 2.13
CA SER B 153 24.93 14.40 1.32
C SER B 153 23.76 13.68 2.01
N ALA B 154 23.69 13.71 3.33
CA ALA B 154 22.59 13.09 4.08
C ALA B 154 22.41 13.71 5.44
N VAL B 155 21.18 13.67 5.93
CA VAL B 155 20.84 14.10 7.28
C VAL B 155 19.77 13.18 7.81
N HIS B 156 19.82 12.88 9.11
CA HIS B 156 18.92 11.87 9.69
C HIS B 156 18.79 12.12 11.18
N PHE B 157 17.55 12.06 11.67
CA PHE B 157 17.25 12.08 13.10
C PHE B 157 17.34 10.67 13.65
N ASN B 158 17.74 10.55 14.92
CA ASN B 158 17.69 9.24 15.60
C ASN B 158 16.25 8.91 16.05
N ARG B 159 16.10 7.83 16.79
CA ARG B 159 14.78 7.25 17.05
C ARG B 159 13.79 8.20 17.74
N ASP B 160 14.28 9.07 18.62
CA ASP B 160 13.40 9.99 19.31
C ASP B 160 13.59 11.44 18.86
N GLY B 161 14.46 11.68 17.89
CA GLY B 161 14.69 13.02 17.36
C GLY B 161 15.62 13.89 18.17
N SER B 162 16.26 13.31 19.19
CA SER B 162 17.13 14.10 20.05
C SER B 162 18.48 14.43 19.39
N LEU B 163 18.87 13.63 18.39
CA LEU B 163 20.11 13.83 17.65
C LEU B 163 19.86 13.86 16.16
N ILE B 164 20.76 14.55 15.47
CA ILE B 164 20.85 14.54 14.01
C ILE B 164 22.23 14.02 13.64
N VAL B 165 22.33 13.22 12.58
CA VAL B 165 23.64 12.87 12.01
C VAL B 165 23.66 13.42 10.57
N SER B 166 24.80 14.00 10.20
CA SER B 166 25.00 14.56 8.87
C SER B 166 26.28 14.00 8.28
N SER B 167 26.31 13.85 6.95
CA SER B 167 27.52 13.41 6.22
C SER B 167 27.85 14.41 5.15
N SER B 168 29.11 14.43 4.74
CA SER B 168 29.52 15.39 3.75
C SER B 168 30.68 14.90 2.90
N TYR B 169 30.80 15.54 1.74
CA TYR B 169 31.94 15.38 0.86
C TYR B 169 33.25 15.81 1.53
N ASP B 170 33.18 16.50 2.67
CA ASP B 170 34.38 16.85 3.43
C ASP B 170 35.02 15.64 4.10
N GLY B 171 34.35 14.49 4.02
CA GLY B 171 34.86 13.26 4.56
C GLY B 171 34.45 13.00 5.99
N LEU B 172 33.54 13.82 6.52
CA LEU B 172 33.15 13.71 7.91
C LEU B 172 31.72 13.31 8.09
N CYS B 173 31.48 12.65 9.23
CA CYS B 173 30.14 12.50 9.79
CA CYS B 173 30.16 12.46 9.79
C CYS B 173 30.11 13.27 11.08
N ARG B 174 29.03 14.05 11.30
CA ARG B 174 28.85 14.78 12.55
C ARG B 174 27.54 14.42 13.21
N ILE B 175 27.54 14.42 14.54
CA ILE B 175 26.37 14.17 15.36
C ILE B 175 26.02 15.46 16.06
N TRP B 176 24.77 15.90 15.95
CA TRP B 176 24.32 17.16 16.50
C TRP B 176 23.20 16.94 17.49
N ASP B 177 23.26 17.69 18.60
CA ASP B 177 22.11 17.82 19.48
C ASP B 177 21.05 18.69 18.82
N THR B 178 19.87 18.12 18.60
CA THR B 178 18.81 18.82 17.89
C THR B 178 18.43 20.10 18.59
N ALA B 179 18.16 20.01 19.88
CA ALA B 179 17.61 21.13 20.65
C ALA B 179 18.56 22.34 20.69
N SER B 180 19.85 22.09 20.90
CA SER B 180 20.85 23.17 20.95
C SER B 180 21.58 23.47 19.66
N GLY B 181 21.57 22.52 18.72
CA GLY B 181 22.34 22.66 17.49
C GLY B 181 23.84 22.46 17.62
N GLN B 182 24.29 22.02 18.79
CA GLN B 182 25.72 21.87 19.02
C GLN B 182 26.21 20.52 18.51
N CYS B 183 27.43 20.50 17.99
CA CYS B 183 28.05 19.25 17.54
C CYS B 183 28.56 18.48 18.74
N LEU B 184 28.12 17.23 18.88
CA LEU B 184 28.58 16.37 19.95
C LEU B 184 29.80 15.56 19.53
N LYS B 185 29.82 15.14 18.27
CA LYS B 185 30.88 14.25 17.80
C LYS B 185 31.18 14.47 16.33
N THR B 186 32.47 14.41 15.99
CA THR B 186 32.92 14.37 14.60
C THR B 186 33.66 13.04 14.42
N LEU B 187 33.26 12.27 13.40
CA LEU B 187 33.95 11.01 13.07
C LEU B 187 34.85 11.20 11.85
N ILE B 188 36.14 10.90 12.03
CA ILE B 188 37.13 10.96 10.97
C ILE B 188 37.68 9.56 10.68
N ASP B 191 41.93 7.93 6.43
CA ASP B 191 41.69 8.58 5.14
C ASP B 191 40.30 9.21 5.14
N ASN B 192 40.08 10.18 4.25
CA ASN B 192 38.83 10.96 4.26
C ASN B 192 38.19 11.14 2.87
N PRO B 193 37.76 10.03 2.24
CA PRO B 193 37.00 10.19 1.01
C PRO B 193 35.59 10.73 1.34
N PRO B 194 34.90 11.31 0.33
CA PRO B 194 33.57 11.88 0.56
C PRO B 194 32.64 10.88 1.23
N VAL B 195 31.86 11.31 2.22
CA VAL B 195 30.83 10.48 2.84
C VAL B 195 29.53 10.78 2.10
N SER B 196 29.00 9.76 1.43
CA SER B 196 27.92 9.94 0.49
C SER B 196 26.55 9.63 1.08
N PHE B 197 26.52 9.05 2.28
CA PHE B 197 25.30 8.66 2.94
C PHE B 197 25.57 8.34 4.41
N VAL B 198 24.59 8.64 5.27
CA VAL B 198 24.63 8.21 6.63
C VAL B 198 23.23 8.14 7.23
N LYS B 199 23.05 7.23 8.18
CA LYS B 199 21.83 7.15 8.96
C LYS B 199 22.09 6.44 10.26
N PHE B 200 21.30 6.73 11.28
CA PHE B 200 21.28 5.94 12.50
C PHE B 200 20.69 4.56 12.30
N SER B 201 21.20 3.58 13.05
CA SER B 201 20.57 2.27 13.17
C SER B 201 19.20 2.43 13.86
N PRO B 202 18.30 1.44 13.71
CA PRO B 202 16.98 1.56 14.34
C PRO B 202 17.00 1.93 15.83
N ASN B 203 17.95 1.38 16.58
CA ASN B 203 18.05 1.65 18.03
C ASN B 203 18.86 2.88 18.40
N GLY B 204 19.50 3.51 17.41
CA GLY B 204 20.15 4.79 17.62
C GLY B 204 21.59 4.76 18.12
N LYS B 205 22.13 3.57 18.37
CA LYS B 205 23.48 3.43 18.94
C LYS B 205 24.57 3.45 17.89
N TYR B 206 24.22 3.00 16.69
CA TYR B 206 25.19 2.90 15.61
C TYR B 206 24.80 3.81 14.48
N ILE B 207 25.79 4.13 13.65
CA ILE B 207 25.52 4.81 12.38
CA ILE B 207 25.54 4.82 12.38
C ILE B 207 26.09 3.97 11.24
N LEU B 208 25.33 3.90 10.14
CA LEU B 208 25.76 3.30 8.88
C LEU B 208 26.15 4.44 7.94
N ALA B 209 27.40 4.45 7.48
CA ALA B 209 27.93 5.51 6.62
C ALA B 209 28.51 4.91 5.36
N ALA B 210 28.18 5.50 4.20
CA ALA B 210 28.81 5.12 2.94
C ALA B 210 29.84 6.13 2.56
N THR B 211 30.95 5.63 1.98
CA THR B 211 31.97 6.52 1.41
C THR B 211 32.19 6.18 -0.07
N LEU B 212 32.73 7.14 -0.84
CA LEU B 212 32.92 6.95 -2.29
C LEU B 212 34.21 6.14 -2.59
N ASP B 213 34.62 5.34 -1.62
CA ASP B 213 35.63 4.32 -1.80
C ASP B 213 34.96 2.94 -1.80
N ASN B 214 33.75 2.85 -2.36
CA ASN B 214 33.05 1.57 -2.52
C ASN B 214 32.81 0.81 -1.22
N THR B 215 32.57 1.53 -0.13
CA THR B 215 32.53 0.93 1.21
C THR B 215 31.40 1.50 2.06
N LEU B 216 30.67 0.60 2.72
CA LEU B 216 29.75 0.96 3.80
C LEU B 216 30.40 0.57 5.11
N LYS B 217 30.22 1.39 6.14
CA LYS B 217 30.77 1.12 7.46
C LYS B 217 29.73 1.28 8.55
N LEU B 218 29.73 0.37 9.51
CA LEU B 218 28.89 0.47 10.69
C LEU B 218 29.75 0.95 11.87
N TRP B 219 29.43 2.11 12.42
CA TRP B 219 30.18 2.72 13.51
C TRP B 219 29.42 2.78 14.83
N ASP B 220 30.10 2.40 15.91
CA ASP B 220 29.71 2.89 17.25
C ASP B 220 30.32 4.29 17.36
N TYR B 221 29.50 5.32 17.12
CA TYR B 221 30.01 6.69 17.02
C TYR B 221 30.53 7.24 18.36
N SER B 222 29.90 6.86 19.48
CA SER B 222 30.34 7.32 20.80
C SER B 222 31.77 6.90 21.13
N LYS B 223 32.13 5.68 20.74
CA LYS B 223 33.47 5.12 20.95
C LYS B 223 34.40 5.39 19.78
N GLY B 224 33.82 5.70 18.62
CA GLY B 224 34.59 5.99 17.42
C GLY B 224 35.24 4.75 16.86
N LYS B 225 34.52 3.63 16.95
CA LYS B 225 35.02 2.35 16.49
C LYS B 225 34.18 1.82 15.34
N CYS B 226 34.83 1.40 14.27
CA CYS B 226 34.16 0.74 13.16
C CYS B 226 33.99 -0.75 13.43
N LEU B 227 32.75 -1.21 13.56
CA LEU B 227 32.45 -2.61 13.88
C LEU B 227 32.40 -3.54 12.68
N LYS B 228 31.86 -3.03 11.58
CA LYS B 228 31.63 -3.83 10.40
C LYS B 228 31.86 -2.98 9.17
N THR B 229 32.23 -3.62 8.07
CA THR B 229 32.23 -2.96 6.78
C THR B 229 31.52 -3.85 5.79
N TYR B 230 30.92 -3.23 4.79
CA TYR B 230 30.18 -3.96 3.77
C TYR B 230 30.70 -3.49 2.44
N THR B 231 31.25 -4.43 1.68
CA THR B 231 31.94 -4.13 0.45
C THR B 231 31.59 -5.13 -0.63
N GLY B 232 32.12 -4.89 -1.83
CA GLY B 232 31.85 -5.74 -2.98
C GLY B 232 30.98 -5.12 -4.06
N HIS B 233 30.30 -4.04 -3.68
CA HIS B 233 29.47 -3.25 -4.62
C HIS B 233 30.30 -2.11 -5.22
N LYS B 234 29.71 -1.35 -6.12
CA LYS B 234 30.40 -0.27 -6.78
C LYS B 234 29.77 1.05 -6.37
N ASN B 235 30.55 1.89 -5.71
CA ASN B 235 30.09 3.22 -5.34
C ASN B 235 31.23 4.20 -5.23
N GLU B 236 31.49 4.93 -6.31
CA GLU B 236 32.59 5.90 -6.38
CA GLU B 236 32.60 5.89 -6.36
C GLU B 236 32.16 7.28 -6.82
N LYS B 237 30.88 7.45 -7.17
CA LYS B 237 30.44 8.70 -7.77
C LYS B 237 29.12 9.27 -7.20
N TYR B 238 28.12 8.42 -7.08
CA TYR B 238 26.79 8.87 -6.70
C TYR B 238 26.55 8.64 -5.20
N CYS B 239 25.63 9.44 -4.65
CA CYS B 239 25.27 9.34 -3.26
C CYS B 239 24.11 8.39 -3.14
N ILE B 240 24.44 7.13 -2.89
CA ILE B 240 23.51 6.01 -2.91
C ILE B 240 23.06 5.71 -1.51
N PHE B 241 21.74 5.58 -1.36
CA PHE B 241 21.13 5.42 -0.06
C PHE B 241 21.24 3.95 0.35
N ALA B 242 21.47 3.71 1.64
CA ALA B 242 21.46 2.35 2.21
C ALA B 242 20.47 2.22 3.38
N ASN B 243 20.20 0.98 3.77
CA ASN B 243 19.19 0.66 4.78
C ASN B 243 19.55 -0.51 5.65
N PHE B 244 19.04 -0.49 6.88
CA PHE B 244 18.94 -1.68 7.70
C PHE B 244 17.62 -2.36 7.37
N SER B 245 17.64 -3.64 7.05
CA SER B 245 16.44 -4.43 6.84
C SER B 245 16.25 -5.28 8.08
N VAL B 246 15.10 -5.13 8.74
CA VAL B 246 14.85 -5.71 10.06
C VAL B 246 13.56 -6.52 10.21
N THR B 247 12.79 -6.67 9.13
CA THR B 247 11.50 -7.34 9.17
C THR B 247 11.63 -8.87 9.16
N GLY B 248 12.69 -9.38 8.54
CA GLY B 248 13.00 -10.82 8.53
C GLY B 248 14.40 -11.04 9.09
N GLY B 249 15.29 -11.55 8.25
CA GLY B 249 16.70 -11.62 8.59
C GLY B 249 17.29 -10.23 8.70
N LYS B 250 18.39 -10.08 9.43
CA LYS B 250 18.98 -8.76 9.67
C LYS B 250 20.01 -8.45 8.60
N TRP B 251 19.64 -7.58 7.67
CA TRP B 251 20.47 -7.28 6.51
C TRP B 251 20.84 -5.81 6.42
N ILE B 252 21.88 -5.55 5.63
CA ILE B 252 22.18 -4.23 5.12
C ILE B 252 21.83 -4.27 3.64
N VAL B 253 21.17 -3.22 3.14
CA VAL B 253 20.72 -3.18 1.75
C VAL B 253 21.25 -1.88 1.12
N SER B 254 21.80 -1.96 -0.09
CA SER B 254 22.25 -0.75 -0.80
C SER B 254 22.15 -0.89 -2.29
N GLY B 255 22.02 0.24 -2.97
CA GLY B 255 22.16 0.28 -4.40
C GLY B 255 23.62 0.22 -4.80
N SER B 256 23.86 0.18 -6.10
CA SER B 256 25.22 0.07 -6.64
C SER B 256 25.29 0.70 -8.02
N GLU B 257 26.50 1.14 -8.39
CA GLU B 257 26.76 1.70 -9.71
C GLU B 257 26.93 0.65 -10.80
N ASP B 258 26.84 -0.63 -10.44
CA ASP B 258 26.79 -1.71 -11.43
C ASP B 258 25.35 -2.19 -11.67
N ASN B 259 24.37 -1.36 -11.28
CA ASN B 259 22.96 -1.55 -11.60
C ASN B 259 22.27 -2.63 -10.75
N LEU B 260 22.93 -3.06 -9.68
CA LEU B 260 22.38 -4.10 -8.81
C LEU B 260 22.02 -3.56 -7.45
N VAL B 261 21.10 -4.25 -6.79
CA VAL B 261 20.86 -4.05 -5.34
C VAL B 261 21.66 -5.10 -4.63
N TYR B 262 22.44 -4.68 -3.65
CA TYR B 262 23.26 -5.59 -2.85
C TYR B 262 22.63 -5.76 -1.48
N ILE B 263 22.66 -6.99 -0.97
CA ILE B 263 22.14 -7.31 0.36
C ILE B 263 23.21 -8.10 1.07
N TRP B 264 23.60 -7.63 2.25
CA TRP B 264 24.61 -8.29 3.06
C TRP B 264 24.01 -8.77 4.39
N ASN B 265 24.56 -9.84 4.92
CA ASN B 265 24.33 -10.25 6.29
C ASN B 265 24.99 -9.23 7.22
N LEU B 266 24.22 -8.62 8.12
CA LEU B 266 24.74 -7.57 8.97
C LEU B 266 25.94 -8.02 9.83
N GLN B 267 25.86 -9.22 10.39
CA GLN B 267 26.88 -9.68 11.32
C GLN B 267 28.11 -10.29 10.62
N THR B 268 27.90 -11.07 9.57
CA THR B 268 29.01 -11.77 8.91
C THR B 268 29.64 -10.93 7.81
N LYS B 269 28.88 -9.93 7.33
CA LYS B 269 29.30 -9.02 6.24
C LYS B 269 29.31 -9.70 4.88
N GLU B 270 28.81 -10.93 4.81
CA GLU B 270 28.77 -11.67 3.55
C GLU B 270 27.66 -11.08 2.69
N ILE B 271 27.93 -10.92 1.40
CA ILE B 271 26.87 -10.68 0.40
C ILE B 271 25.98 -11.92 0.32
N VAL B 272 24.68 -11.73 0.56
CA VAL B 272 23.71 -12.83 0.57
C VAL B 272 22.76 -12.82 -0.64
N GLN B 273 22.60 -11.66 -1.28
CA GLN B 273 21.87 -11.59 -2.53
C GLN B 273 22.24 -10.33 -3.31
N LYS B 274 22.13 -10.44 -4.63
CA LYS B 274 22.30 -9.31 -5.53
C LYS B 274 21.09 -9.32 -6.45
N LEU B 275 20.32 -8.23 -6.48
CA LEU B 275 19.10 -8.20 -7.27
C LEU B 275 19.38 -7.57 -8.62
N GLN B 276 19.08 -8.33 -9.67
CA GLN B 276 19.34 -7.94 -11.03
C GLN B 276 18.06 -7.50 -11.72
N GLY B 277 18.16 -6.45 -12.52
CA GLY B 277 17.03 -5.97 -13.32
C GLY B 277 17.08 -4.54 -13.78
N HIS B 278 17.57 -3.66 -12.93
CA HIS B 278 17.75 -2.27 -13.33
C HIS B 278 18.81 -2.15 -14.44
N THR B 279 18.66 -1.09 -15.24
CA THR B 279 19.55 -0.79 -16.34
C THR B 279 20.36 0.49 -16.13
N ASP B 280 20.50 0.91 -14.88
CA ASP B 280 21.31 2.06 -14.58
C ASP B 280 21.58 2.02 -13.09
N VAL B 281 22.44 2.92 -12.66
CA VAL B 281 22.82 3.05 -11.26
C VAL B 281 21.58 3.02 -10.37
N VAL B 282 21.63 2.17 -9.35
CA VAL B 282 20.52 2.09 -8.38
C VAL B 282 20.89 3.08 -7.28
N ILE B 283 20.29 4.26 -7.32
CA ILE B 283 20.69 5.32 -6.39
C ILE B 283 19.95 5.29 -5.06
N SER B 284 18.78 4.66 -5.03
CA SER B 284 18.01 4.65 -3.79
C SER B 284 17.36 3.31 -3.57
N THR B 285 17.33 2.93 -2.32
CA THR B 285 16.59 1.76 -1.89
C THR B 285 15.83 2.11 -0.64
N ALA B 286 14.76 1.38 -0.40
CA ALA B 286 13.94 1.53 0.81
C ALA B 286 13.46 0.17 1.24
N CYS B 287 13.40 -0.04 2.54
CA CYS B 287 12.89 -1.29 3.12
C CYS B 287 11.52 -1.02 3.78
N HIS B 288 10.52 -1.83 3.43
CA HIS B 288 9.17 -1.70 3.97
C HIS B 288 9.20 -1.83 5.51
N PRO B 289 8.36 -1.05 6.23
CA PRO B 289 8.38 -1.09 7.70
C PRO B 289 7.94 -2.41 8.36
N THR B 290 7.11 -3.22 7.68
CA THR B 290 6.62 -4.50 8.26
C THR B 290 6.79 -5.77 7.43
N GLU B 291 6.76 -5.67 6.11
CA GLU B 291 6.95 -6.80 5.22
C GLU B 291 8.36 -6.82 4.65
N ASN B 292 8.76 -7.99 4.16
CA ASN B 292 10.06 -8.16 3.55
C ASN B 292 9.95 -7.71 2.11
N ILE B 293 9.91 -6.40 1.94
CA ILE B 293 9.73 -5.79 0.64
C ILE B 293 10.78 -4.71 0.48
N ILE B 294 11.42 -4.67 -0.68
CA ILE B 294 12.35 -3.60 -1.01
C ILE B 294 11.83 -2.83 -2.21
N ALA B 295 11.97 -1.51 -2.17
CA ALA B 295 11.82 -0.68 -3.36
C ALA B 295 13.20 -0.17 -3.77
N SER B 296 13.46 -0.19 -5.07
CA SER B 296 14.72 0.34 -5.61
C SER B 296 14.44 1.26 -6.76
N ALA B 297 15.33 2.24 -6.97
CA ALA B 297 15.09 3.28 -7.97
C ALA B 297 16.40 3.59 -8.65
N ALA B 298 16.33 3.82 -9.95
CA ALA B 298 17.50 4.01 -10.76
C ALA B 298 17.52 5.29 -11.61
N LEU B 299 18.72 5.58 -12.13
CA LEU B 299 18.98 6.81 -12.84
C LEU B 299 18.46 6.75 -14.28
N GLU B 300 18.81 7.75 -15.07
CA GLU B 300 18.01 8.05 -16.27
C GLU B 300 18.03 7.10 -17.47
N ASN B 301 18.96 6.13 -17.55
CA ASN B 301 18.81 5.08 -18.58
C ASN B 301 17.67 4.12 -18.23
N ASP B 302 17.19 4.19 -16.99
CA ASP B 302 16.25 3.24 -16.47
C ASP B 302 14.94 3.96 -16.11
N LYS B 303 15.01 4.87 -15.13
CA LYS B 303 13.88 5.75 -14.75
C LYS B 303 12.73 5.00 -14.07
N THR B 304 12.97 3.77 -13.63
CA THR B 304 11.91 3.01 -12.96
C THR B 304 12.22 2.76 -11.48
N ILE B 305 11.16 2.40 -10.76
CA ILE B 305 11.20 1.93 -9.39
C ILE B 305 10.87 0.43 -9.50
N LYS B 306 11.60 -0.41 -8.80
CA LYS B 306 11.22 -1.81 -8.70
C LYS B 306 10.84 -2.19 -7.30
N LEU B 307 9.82 -3.04 -7.19
CA LEU B 307 9.39 -3.60 -5.92
C LEU B 307 9.74 -5.09 -5.87
N TRP B 308 10.36 -5.51 -4.79
CA TRP B 308 10.85 -6.87 -4.63
C TRP B 308 10.30 -7.45 -3.34
N LYS B 309 10.06 -8.77 -3.31
CA LYS B 309 9.51 -9.42 -2.13
C LYS B 309 10.27 -10.71 -1.81
N SER B 310 10.60 -10.88 -0.53
CA SER B 310 11.31 -12.07 -0.05
C SER B 310 10.50 -12.83 1.00
N ASP B 311 10.87 -14.08 1.22
CA ASP B 311 10.29 -14.88 2.32
C ASP B 311 10.95 -14.59 3.69
N CYS B 312 12.14 -14.01 3.70
CA CYS B 312 12.85 -13.69 4.95
C CYS B 312 13.80 -12.50 4.77
FAD 35Q C . -24.96 -17.09 -5.27
CBN 35Q C . -25.06 -16.89 -3.92
FAE 35Q C . -26.43 -16.72 -3.67
FAF 35Q C . -24.41 -15.86 -3.66
CBI 35Q C . -24.57 -17.97 -3.17
CAO 35Q C . -24.16 -19.13 -3.85
CBJ 35Q C . -23.67 -20.24 -3.18
OAC 35Q C . -23.32 -21.27 -3.77
NAZ 35Q C . -23.56 -20.18 -1.78
CAL 35Q C . -23.91 -19.07 -1.14
CBG 35Q C . -24.42 -17.93 -1.77
CBB 35Q C . -24.79 -16.85 -0.92
OAB 35Q C . -25.92 -16.33 -0.99
NAY 35Q C . -23.89 -16.45 -0.01
CBF 35Q C . -24.19 -15.59 1.02
CAN 35Q C . -25.12 -16.01 1.98
CBH 35Q C . -23.48 -14.40 1.20
NBM 35Q C . -22.59 -13.90 0.31
CAV 35Q C . -21.50 -13.01 0.72
CAR 35Q C . -20.52 -12.76 -0.40
NBK 35Q C . -21.10 -12.36 -1.68
CAA 35Q C . -20.04 -12.18 -2.69
CAS 35Q C . -22.00 -13.40 -2.15
CAW 35Q C . -23.05 -13.68 -1.07
CAK 35Q C . -23.76 -13.62 2.36
CAJ 35Q C . -24.72 -14.05 3.28
CBE 35Q C . -25.41 -15.24 3.11
CBD 35Q C . -26.42 -15.67 4.02
CAM 35Q C . -27.51 -16.40 3.51
CAI 35Q C . -26.40 -15.34 5.37
CAG 35Q C . -27.44 -15.78 6.19
CAH 35Q C . -28.51 -16.51 5.69
CBC 35Q C . -28.54 -16.85 4.35
CAX 35Q C . -29.64 -17.56 3.87
NBL 35Q C . -29.26 -18.94 3.59
CAT 35Q C . -30.40 -19.73 3.09
UNK UNX D . -12.68 7.66 0.70
FAD 35Q E . 18.78 11.57 -9.26
CBN 35Q E . 19.74 12.20 -8.51
FAE 35Q E . 20.95 11.96 -9.06
FAF 35Q E . 19.70 11.74 -7.40
CBI 35Q E . 19.53 13.59 -8.46
CAO 35Q E . 18.48 14.17 -9.21
CBJ 35Q E . 18.24 15.54 -9.18
OAC 35Q E . 17.35 16.07 -9.85
NAZ 35Q E . 19.02 16.34 -8.35
CAL 35Q E . 19.99 15.80 -7.63
CBG 35Q E . 20.27 14.43 -7.61
CBB 35Q E . 21.35 14.02 -6.80
OAB 35Q E . 22.26 13.34 -7.24
NAY 35Q E . 21.35 14.48 -5.51
CBF 35Q E . 22.44 14.38 -4.70
CAN 35Q E . 23.58 15.08 -5.04
CBH 35Q E . 22.36 13.71 -3.45
NBM 35Q E . 21.32 12.95 -3.04
CAV 35Q E . 21.04 12.76 -1.61
CAR 35Q E . 19.66 12.13 -1.40
NBK 35Q E . 19.44 10.94 -2.24
CAA 35Q E . 18.13 10.32 -1.91
CAS 35Q E . 19.54 11.26 -3.67
CAW 35Q E . 20.93 11.83 -3.91
CAK 35Q E . 23.52 13.72 -2.64
CAJ 35Q E . 24.68 14.40 -3.04
CBE 35Q E . 24.76 15.09 -4.24
CBD 35Q E . 25.95 15.77 -4.68
CAM 35Q E . 26.19 15.87 -6.06
CAI 35Q E . 26.94 16.26 -3.79
CAG 35Q E . 28.09 16.85 -4.32
CAH 35Q E . 28.29 16.99 -5.68
CBC 35Q E . 27.35 16.48 -6.57
CAX 35Q E . 27.48 16.60 -7.97
NBL 35Q E . 28.39 15.57 -8.49
CAT 35Q E . 28.40 15.55 -9.97
C1 EDO F . 23.99 7.95 -15.30
O1 EDO F . 24.43 6.80 -14.58
C2 EDO F . 24.03 7.64 -16.80
O2 EDO F . 22.72 7.36 -17.30
C1 GOL G . 15.21 6.59 6.19
O1 GOL G . 14.88 7.81 5.56
C2 GOL G . 14.56 5.40 5.51
O2 GOL G . 15.01 4.24 6.22
C3 GOL G . 14.96 5.24 4.05
O3 GOL G . 14.03 4.55 3.23
UNK UNX H . 17.33 17.66 -12.67
#